data_5X0O
#
_entry.id   5X0O
#
_cell.length_a   124.844
_cell.length_b   189.418
_cell.length_c   57.424
_cell.angle_alpha   90.00
_cell.angle_beta   90.00
_cell.angle_gamma   90.00
#
_symmetry.space_group_name_H-M   'P 21 21 2'
#
_entity_poly.entity_id   1
_entity_poly.type   'polypeptide(L)'
_entity_poly.pdbx_seq_one_letter_code
;GAMGASGKIKISTPYNLTKRMMMPMLNGFMSQYPEINIELTTESNADQLDPTEWDVIFRVGPQRDSSLIARKIGSVKDIL
VASPEYVNAHPMPTHAEDLHDHFLLKGHPLLKWTLINSKGETVVNVDRGRFQANALNVVRSACSEGLGITLMPDVMIKEY
IADGSLVRILPDWSANPRDIYMLYNHKDHLPEKVRLFIDYVIAYNIH
;
_entity_poly.pdbx_strand_id   A,B,C,D,E,F
#
# COMPACT_ATOMS: atom_id res chain seq x y z
N SER A 6 7.94 -22.95 -30.79
CA SER A 6 8.10 -24.40 -30.94
C SER A 6 9.12 -24.91 -29.93
N GLY A 7 9.92 -24.01 -29.39
CA GLY A 7 10.89 -24.37 -28.37
C GLY A 7 10.34 -24.44 -26.97
N LYS A 8 9.04 -24.21 -26.79
CA LYS A 8 8.44 -24.16 -25.46
C LYS A 8 6.98 -24.56 -25.55
N ILE A 9 6.36 -24.75 -24.39
CA ILE A 9 4.92 -24.92 -24.26
C ILE A 9 4.41 -23.74 -23.45
N LYS A 10 3.47 -22.99 -24.04
CA LYS A 10 2.95 -21.77 -23.43
C LYS A 10 1.58 -22.07 -22.83
N ILE A 11 1.49 -22.03 -21.50
CA ILE A 11 0.25 -22.38 -20.80
C ILE A 11 -0.15 -21.24 -19.86
N SER A 12 -1.45 -21.16 -19.58
CA SER A 12 -2.04 -20.18 -18.68
C SER A 12 -2.90 -20.90 -17.66
N THR A 13 -2.74 -20.54 -16.39
CA THR A 13 -3.42 -21.17 -15.28
C THR A 13 -4.12 -20.11 -14.44
N PRO A 14 -5.18 -20.48 -13.71
CA PRO A 14 -5.84 -19.51 -12.83
C PRO A 14 -4.91 -19.03 -11.73
N TYR A 15 -5.13 -17.79 -11.30
CA TYR A 15 -4.21 -17.08 -10.43
C TYR A 15 -4.01 -17.77 -9.08
N ASN A 16 -5.04 -17.76 -8.23
CA ASN A 16 -4.86 -18.22 -6.85
C ASN A 16 -4.68 -19.73 -6.76
N LEU A 17 -5.18 -20.47 -7.74
CA LEU A 17 -5.24 -21.92 -7.65
C LEU A 17 -4.05 -22.63 -8.26
N THR A 18 -3.12 -21.89 -8.88
CA THR A 18 -2.08 -22.53 -9.69
C THR A 18 -1.20 -23.44 -8.85
N LYS A 19 -0.67 -22.93 -7.73
CA LYS A 19 0.32 -23.68 -6.98
C LYS A 19 -0.25 -24.99 -6.43
N ARG A 20 -1.51 -24.97 -6.00
CA ARG A 20 -2.08 -26.15 -5.34
C ARG A 20 -2.55 -27.19 -6.36
N MET A 21 -3.26 -26.75 -7.40
CA MET A 21 -3.92 -27.69 -8.30
C MET A 21 -3.15 -27.94 -9.60
N MET A 22 -2.16 -27.13 -9.93
CA MET A 22 -1.42 -27.29 -11.17
C MET A 22 0.02 -27.72 -10.98
N MET A 23 0.71 -27.16 -9.99
CA MET A 23 2.14 -27.41 -9.87
C MET A 23 2.50 -28.88 -9.67
N PRO A 24 1.79 -29.69 -8.87
CA PRO A 24 2.15 -31.11 -8.79
C PRO A 24 2.12 -31.79 -10.15
N MET A 25 1.09 -31.50 -10.95
CA MET A 25 1.01 -32.03 -12.31
C MET A 25 2.17 -31.53 -13.17
N LEU A 26 2.40 -30.21 -13.15
CA LEU A 26 3.44 -29.63 -14.00
C LEU A 26 4.82 -30.12 -13.60
N ASN A 27 5.06 -30.28 -12.29
CA ASN A 27 6.34 -30.80 -11.85
C ASN A 27 6.53 -32.25 -12.31
N GLY A 28 5.49 -33.08 -12.19
CA GLY A 28 5.58 -34.45 -12.64
C GLY A 28 5.76 -34.58 -14.13
N PHE A 29 5.23 -33.63 -14.91
CA PHE A 29 5.44 -33.66 -16.34
C PHE A 29 6.86 -33.27 -16.71
N MET A 30 7.33 -32.13 -16.16
CA MET A 30 8.70 -31.71 -16.42
C MET A 30 9.70 -32.75 -15.95
N SER A 31 9.39 -33.43 -14.85
CA SER A 31 10.28 -34.47 -14.35
C SER A 31 10.39 -35.62 -15.35
N GLN A 32 9.27 -35.96 -16.00
CA GLN A 32 9.27 -37.03 -16.99
C GLN A 32 9.80 -36.58 -18.34
N TYR A 33 9.79 -35.28 -18.62
CA TYR A 33 10.21 -34.73 -19.91
C TYR A 33 11.18 -33.58 -19.66
N PRO A 34 12.44 -33.89 -19.35
CA PRO A 34 13.43 -32.81 -19.18
C PRO A 34 13.73 -32.07 -20.47
N GLU A 35 13.49 -32.69 -21.63
CA GLU A 35 13.74 -32.02 -22.91
C GLU A 35 12.73 -30.91 -23.19
N ILE A 36 11.60 -30.91 -22.53
CA ILE A 36 10.51 -29.99 -22.84
C ILE A 36 10.61 -28.77 -21.92
N ASN A 37 10.46 -27.58 -22.50
CA ASN A 37 10.45 -26.34 -21.74
C ASN A 37 9.02 -25.83 -21.62
N ILE A 38 8.71 -25.26 -20.46
CA ILE A 38 7.37 -24.80 -20.15
C ILE A 38 7.44 -23.32 -19.81
N GLU A 39 6.53 -22.53 -20.39
CA GLU A 39 6.37 -21.12 -20.05
C GLU A 39 4.97 -20.94 -19.48
N LEU A 40 4.90 -20.58 -18.20
CA LEU A 40 3.65 -20.53 -17.46
C LEU A 40 3.32 -19.10 -17.08
N THR A 41 2.04 -18.74 -17.19
CA THR A 41 1.58 -17.40 -16.84
C THR A 41 0.31 -17.54 -16.01
N THR A 42 0.40 -17.19 -14.72
CA THR A 42 -0.78 -17.17 -13.87
C THR A 42 -1.67 -16.00 -14.25
N GLU A 43 -2.94 -16.29 -14.55
CA GLU A 43 -3.87 -15.32 -15.11
C GLU A 43 -5.01 -15.06 -14.14
N SER A 44 -5.36 -13.78 -13.96
CA SER A 44 -6.46 -13.42 -13.07
C SER A 44 -7.82 -13.62 -13.71
N ASN A 45 -7.92 -13.48 -15.03
CA ASN A 45 -9.19 -13.72 -15.73
C ASN A 45 -8.86 -14.07 -17.18
N ALA A 46 -9.22 -15.28 -17.59
CA ALA A 46 -8.91 -15.78 -18.91
C ALA A 46 -10.04 -15.55 -19.92
N ASP A 47 -11.04 -14.73 -19.56
CA ASP A 47 -12.13 -14.46 -20.50
C ASP A 47 -11.67 -13.57 -21.65
N GLN A 48 -10.66 -12.73 -21.42
CA GLN A 48 -10.11 -11.87 -22.46
C GLN A 48 -8.82 -12.45 -23.05
N LEU A 49 -8.67 -13.76 -23.00
CA LEU A 49 -7.50 -14.42 -23.58
C LEU A 49 -7.73 -14.70 -25.06
N ASP A 50 -6.64 -14.63 -25.83
CA ASP A 50 -6.67 -15.01 -27.24
C ASP A 50 -6.18 -16.44 -27.36
N PRO A 51 -7.06 -17.41 -27.63
CA PRO A 51 -6.62 -18.82 -27.66
C PRO A 51 -5.54 -19.09 -28.69
N THR A 52 -5.44 -18.27 -29.74
CA THR A 52 -4.40 -18.45 -30.74
C THR A 52 -3.02 -18.06 -30.26
N GLU A 53 -2.88 -17.62 -29.00
CA GLU A 53 -1.60 -17.24 -28.44
C GLU A 53 -1.11 -18.21 -27.37
N TRP A 54 -1.83 -19.31 -27.13
CA TRP A 54 -1.48 -20.24 -26.07
C TRP A 54 -1.61 -21.67 -26.59
N ASP A 55 -0.83 -22.57 -26.00
CA ASP A 55 -0.94 -23.97 -26.35
C ASP A 55 -2.04 -24.65 -25.55
N VAL A 56 -2.05 -24.45 -24.23
CA VAL A 56 -3.07 -25.00 -23.34
C VAL A 56 -3.48 -23.92 -22.36
N ILE A 57 -4.78 -23.86 -22.06
CA ILE A 57 -5.33 -22.88 -21.12
C ILE A 57 -6.08 -23.65 -20.03
N PHE A 58 -5.75 -23.35 -18.78
CA PHE A 58 -6.45 -23.89 -17.62
C PHE A 58 -7.29 -22.78 -17.00
N ARG A 59 -8.55 -23.08 -16.74
CA ARG A 59 -9.53 -22.03 -16.51
C ARG A 59 -10.59 -22.52 -15.53
N VAL A 60 -11.13 -21.59 -14.75
CA VAL A 60 -12.25 -21.87 -13.86
C VAL A 60 -13.54 -21.50 -14.59
N GLY A 61 -14.44 -22.48 -14.70
CA GLY A 61 -15.71 -22.26 -15.37
C GLY A 61 -15.63 -22.42 -16.87
N PRO A 62 -16.75 -22.75 -17.50
CA PRO A 62 -16.75 -22.98 -18.95
C PRO A 62 -16.50 -21.69 -19.71
N GLN A 63 -16.12 -21.86 -20.97
CA GLN A 63 -15.84 -20.71 -21.84
C GLN A 63 -16.60 -20.83 -23.16
N SER A 66 -16.56 -21.10 -26.63
CA SER A 66 -15.85 -21.04 -27.91
C SER A 66 -15.75 -22.42 -28.55
N SER A 67 -15.02 -22.50 -29.67
CA SER A 67 -14.76 -23.77 -30.35
C SER A 67 -13.39 -24.30 -29.97
N LEU A 68 -13.23 -24.60 -28.69
CA LEU A 68 -12.00 -25.15 -28.14
C LEU A 68 -12.30 -26.49 -27.48
N ILE A 69 -11.32 -27.39 -27.51
CA ILE A 69 -11.48 -28.68 -26.86
C ILE A 69 -11.39 -28.47 -25.35
N ALA A 70 -12.51 -28.63 -24.65
CA ALA A 70 -12.58 -28.44 -23.21
C ALA A 70 -12.55 -29.78 -22.51
N ARG A 71 -11.87 -29.83 -21.36
CA ARG A 71 -11.75 -31.06 -20.59
C ARG A 71 -11.86 -30.72 -19.12
N LYS A 72 -12.86 -31.26 -18.44
CA LYS A 72 -13.01 -31.06 -17.01
C LYS A 72 -11.97 -31.90 -16.26
N ILE A 73 -11.19 -31.25 -15.39
CA ILE A 73 -10.15 -31.92 -14.63
C ILE A 73 -10.28 -31.69 -13.12
N GLY A 74 -11.34 -31.05 -12.68
CA GLY A 74 -11.48 -30.78 -11.26
C GLY A 74 -12.51 -29.70 -11.03
N SER A 75 -12.83 -29.50 -9.75
CA SER A 75 -13.79 -28.49 -9.35
C SER A 75 -13.33 -27.86 -8.04
N VAL A 76 -13.92 -26.73 -7.69
CA VAL A 76 -13.57 -26.01 -6.48
C VAL A 76 -14.83 -25.38 -5.89
N LYS A 77 -14.97 -25.49 -4.57
CA LYS A 77 -16.08 -24.90 -3.84
C LYS A 77 -15.53 -23.95 -2.80
N ASP A 78 -16.05 -22.72 -2.78
CA ASP A 78 -15.60 -21.71 -1.83
C ASP A 78 -16.44 -21.79 -0.57
N ILE A 79 -15.75 -21.84 0.59
CA ILE A 79 -16.38 -21.97 1.89
C ILE A 79 -15.89 -20.84 2.79
N LEU A 80 -16.69 -20.55 3.82
CA LEU A 80 -16.34 -19.54 4.81
C LEU A 80 -15.56 -20.19 5.94
N VAL A 81 -14.47 -19.54 6.37
CA VAL A 81 -13.60 -20.09 7.40
C VAL A 81 -13.12 -18.99 8.31
N ALA A 82 -12.69 -19.39 9.50
CA ALA A 82 -12.10 -18.49 10.48
C ALA A 82 -11.23 -19.33 11.42
N SER A 83 -10.29 -18.67 12.09
CA SER A 83 -9.45 -19.39 13.02
C SER A 83 -10.22 -19.69 14.31
N PRO A 84 -9.86 -20.78 15.01
CA PRO A 84 -10.51 -21.04 16.30
C PRO A 84 -10.34 -19.91 17.30
N GLU A 85 -9.22 -19.18 17.24
CA GLU A 85 -9.04 -18.01 18.08
C GLU A 85 -10.15 -16.99 17.86
N TYR A 86 -10.50 -16.74 16.60
CA TYR A 86 -11.60 -15.83 16.31
C TYR A 86 -12.94 -16.43 16.71
N VAL A 87 -13.11 -17.73 16.53
CA VAL A 87 -14.39 -18.36 16.85
C VAL A 87 -14.64 -18.34 18.35
N ASN A 88 -13.59 -18.52 19.16
CA ASN A 88 -13.74 -18.50 20.61
C ASN A 88 -13.78 -17.10 21.19
N ALA A 89 -13.57 -16.06 20.37
CA ALA A 89 -13.58 -14.69 20.84
C ALA A 89 -14.82 -13.90 20.41
N HIS A 90 -15.67 -14.48 19.57
CA HIS A 90 -16.88 -13.83 19.10
C HIS A 90 -17.99 -14.85 18.97
N PRO A 91 -19.25 -14.44 19.12
CA PRO A 91 -20.36 -15.34 18.80
C PRO A 91 -20.47 -15.52 17.29
N MET A 92 -20.46 -16.78 16.85
CA MET A 92 -20.38 -17.06 15.43
C MET A 92 -21.74 -16.85 14.75
N PRO A 93 -21.72 -16.43 13.48
CA PRO A 93 -22.98 -16.18 12.78
C PRO A 93 -23.77 -17.46 12.56
N THR A 94 -25.08 -17.39 12.83
CA THR A 94 -25.97 -18.50 12.55
C THR A 94 -26.66 -18.38 11.21
N HIS A 95 -26.66 -17.19 10.60
CA HIS A 95 -27.20 -17.00 9.26
C HIS A 95 -26.23 -16.14 8.45
N ALA A 96 -26.30 -16.28 7.13
CA ALA A 96 -25.37 -15.58 6.25
C ALA A 96 -25.49 -14.07 6.34
N GLU A 97 -26.64 -13.55 6.80
CA GLU A 97 -26.79 -12.12 6.96
C GLU A 97 -26.07 -11.57 8.18
N ASP A 98 -25.72 -12.43 9.15
CA ASP A 98 -25.01 -11.97 10.33
C ASP A 98 -23.58 -11.55 10.04
N LEU A 99 -23.06 -11.81 8.84
CA LEU A 99 -21.71 -11.44 8.49
C LEU A 99 -21.50 -9.92 8.46
N HIS A 100 -22.57 -9.12 8.46
CA HIS A 100 -22.43 -7.68 8.51
C HIS A 100 -21.83 -7.23 9.85
N ASP A 101 -22.03 -8.02 10.90
CA ASP A 101 -21.54 -7.70 12.23
C ASP A 101 -20.22 -8.38 12.54
N HIS A 102 -19.41 -8.67 11.52
CA HIS A 102 -18.18 -9.42 11.73
C HIS A 102 -17.04 -8.81 10.92
N PHE A 103 -15.82 -9.06 11.40
CA PHE A 103 -14.63 -8.73 10.62
C PHE A 103 -14.55 -9.68 9.43
N LEU A 104 -14.59 -9.13 8.22
CA LEU A 104 -14.54 -9.94 7.01
C LEU A 104 -13.22 -9.69 6.29
N LEU A 105 -12.63 -10.76 5.76
CA LEU A 105 -11.40 -10.69 4.98
C LEU A 105 -11.72 -11.16 3.57
N LYS A 106 -11.45 -10.30 2.59
CA LYS A 106 -11.88 -10.54 1.23
C LYS A 106 -10.71 -10.46 0.27
N GLY A 107 -10.68 -11.40 -0.67
CA GLY A 107 -9.62 -11.42 -1.67
C GLY A 107 -10.18 -11.61 -3.06
N HIS A 108 -9.57 -10.93 -4.02
CA HIS A 108 -9.95 -11.11 -5.41
C HIS A 108 -9.72 -12.56 -5.83
N PRO A 109 -10.64 -13.17 -6.59
CA PRO A 109 -11.83 -12.58 -7.21
C PRO A 109 -13.09 -12.66 -6.34
N LEU A 110 -12.93 -12.93 -5.06
CA LEU A 110 -14.07 -13.11 -4.15
C LEU A 110 -14.31 -11.87 -3.28
N LEU A 111 -14.28 -10.68 -3.88
CA LEU A 111 -14.69 -9.49 -3.16
C LEU A 111 -16.19 -9.42 -2.97
N LYS A 112 -16.95 -10.10 -3.82
CA LYS A 112 -18.41 -10.18 -3.72
C LYS A 112 -18.76 -11.61 -3.33
N TRP A 113 -19.32 -11.78 -2.13
CA TRP A 113 -19.66 -13.10 -1.63
C TRP A 113 -21.11 -13.40 -2.01
N THR A 114 -21.31 -14.36 -2.90
CA THR A 114 -22.65 -14.82 -3.28
C THR A 114 -22.80 -16.20 -2.66
N LEU A 115 -23.48 -16.26 -1.52
CA LEU A 115 -23.58 -17.46 -0.71
C LEU A 115 -24.96 -18.09 -0.86
N ILE A 116 -24.98 -19.41 -1.07
CA ILE A 116 -26.22 -20.18 -1.25
C ILE A 116 -26.26 -21.28 -0.20
N ASN A 117 -27.41 -21.45 0.43
CA ASN A 117 -27.56 -22.44 1.49
C ASN A 117 -28.15 -23.74 0.94
N SER A 118 -28.47 -24.68 1.84
CA SER A 118 -28.85 -26.02 1.42
C SER A 118 -30.26 -26.05 0.84
N LYS A 119 -31.13 -25.12 1.23
CA LYS A 119 -32.48 -25.08 0.71
C LYS A 119 -32.64 -24.03 -0.39
N GLY A 120 -31.54 -23.46 -0.89
CA GLY A 120 -31.58 -22.69 -2.12
C GLY A 120 -31.54 -21.18 -1.98
N GLU A 121 -31.57 -20.63 -0.77
CA GLU A 121 -31.57 -19.20 -0.61
C GLU A 121 -30.21 -18.60 -0.93
N THR A 122 -30.21 -17.51 -1.70
CA THR A 122 -28.99 -16.80 -2.07
C THR A 122 -28.87 -15.55 -1.21
N VAL A 123 -27.66 -15.33 -0.68
CA VAL A 123 -27.35 -14.13 0.11
C VAL A 123 -26.02 -13.56 -0.42
N VAL A 124 -26.04 -12.28 -0.76
CA VAL A 124 -24.88 -11.59 -1.32
C VAL A 124 -24.31 -10.65 -0.27
N ASN A 125 -22.98 -10.68 -0.10
CA ASN A 125 -22.27 -9.79 0.81
C ASN A 125 -21.30 -8.94 0.01
N VAL A 126 -21.51 -7.62 0.03
CA VAL A 126 -20.62 -6.67 -0.63
C VAL A 126 -20.03 -5.75 0.42
N ASP A 127 -19.92 -6.24 1.65
CA ASP A 127 -19.34 -5.44 2.72
C ASP A 127 -17.88 -5.12 2.42
N ARG A 128 -17.44 -3.97 2.92
CA ARG A 128 -16.03 -3.61 2.85
C ARG A 128 -15.27 -4.39 3.92
N GLY A 129 -14.29 -5.18 3.49
CA GLY A 129 -13.55 -6.00 4.43
C GLY A 129 -12.58 -5.19 5.27
N ARG A 130 -12.34 -5.71 6.49
CA ARG A 130 -11.29 -5.16 7.34
C ARG A 130 -9.92 -5.32 6.70
N PHE A 131 -9.77 -6.35 5.86
CA PHE A 131 -8.60 -6.52 5.01
C PHE A 131 -9.10 -6.94 3.63
N GLN A 132 -8.64 -6.22 2.61
CA GLN A 132 -8.97 -6.54 1.22
C GLN A 132 -7.69 -6.56 0.41
N ALA A 133 -7.50 -7.63 -0.35
CA ALA A 133 -6.29 -7.82 -1.13
C ALA A 133 -6.65 -8.44 -2.47
N ASN A 134 -5.80 -8.19 -3.47
CA ASN A 134 -5.97 -8.76 -4.80
C ASN A 134 -5.39 -10.16 -4.92
N ALA A 135 -5.16 -10.84 -3.80
CA ALA A 135 -4.65 -12.20 -3.80
C ALA A 135 -5.18 -12.92 -2.57
N LEU A 136 -5.46 -14.22 -2.71
CA LEU A 136 -6.11 -14.96 -1.63
C LEU A 136 -5.13 -15.56 -0.63
N ASN A 137 -3.87 -15.74 -1.01
CA ASN A 137 -2.92 -16.37 -0.09
C ASN A 137 -2.58 -15.46 1.08
N VAL A 138 -2.62 -14.14 0.89
CA VAL A 138 -2.39 -13.24 2.02
C VAL A 138 -3.66 -13.09 2.86
N VAL A 139 -4.84 -13.20 2.24
CA VAL A 139 -6.08 -13.17 3.01
C VAL A 139 -6.13 -14.37 3.96
N ARG A 140 -5.72 -15.55 3.48
CA ARG A 140 -5.68 -16.72 4.36
C ARG A 140 -4.69 -16.51 5.50
N SER A 141 -3.57 -15.85 5.21
CA SER A 141 -2.61 -15.54 6.27
C SER A 141 -3.25 -14.66 7.34
N ALA A 142 -4.04 -13.67 6.95
CA ALA A 142 -4.72 -12.82 7.92
C ALA A 142 -5.84 -13.57 8.64
N CYS A 143 -6.52 -14.47 7.93
CA CYS A 143 -7.52 -15.30 8.58
C CYS A 143 -6.89 -16.25 9.60
N SER A 144 -5.64 -16.65 9.37
CA SER A 144 -4.98 -17.57 10.29
C SER A 144 -4.62 -16.91 11.60
N GLU A 145 -4.20 -15.63 11.56
CA GLU A 145 -3.90 -14.91 12.78
C GLU A 145 -5.16 -14.38 13.48
N GLY A 146 -6.33 -14.87 13.11
CA GLY A 146 -7.55 -14.59 13.83
C GLY A 146 -8.14 -13.21 13.63
N LEU A 147 -8.06 -12.68 12.40
CA LEU A 147 -8.51 -11.32 12.14
C LEU A 147 -9.93 -11.26 11.59
N GLY A 148 -10.57 -12.38 11.33
CA GLY A 148 -11.95 -12.37 10.88
C GLY A 148 -12.24 -13.55 9.98
N ILE A 149 -13.40 -13.46 9.31
CA ILE A 149 -13.92 -14.52 8.46
C ILE A 149 -13.63 -14.19 7.01
N THR A 150 -13.31 -15.22 6.23
CA THR A 150 -13.03 -15.09 4.81
C THR A 150 -13.75 -16.18 4.04
N LEU A 151 -13.95 -15.92 2.74
CA LEU A 151 -14.44 -16.93 1.80
C LEU A 151 -13.26 -17.39 0.96
N MET A 152 -12.97 -18.69 1.03
CA MET A 152 -11.74 -19.22 0.48
C MET A 152 -12.04 -20.51 -0.28
N PRO A 153 -11.36 -20.75 -1.40
CA PRO A 153 -11.50 -22.05 -2.08
C PRO A 153 -11.02 -23.17 -1.17
N ASP A 154 -11.83 -24.23 -1.07
CA ASP A 154 -11.51 -25.34 -0.17
C ASP A 154 -10.16 -25.97 -0.49
N VAL A 155 -9.76 -25.97 -1.76
CA VAL A 155 -8.48 -26.57 -2.13
C VAL A 155 -7.31 -25.78 -1.54
N MET A 156 -7.49 -24.48 -1.29
CA MET A 156 -6.42 -23.67 -0.73
C MET A 156 -6.27 -23.83 0.77
N ILE A 157 -7.23 -24.44 1.45
CA ILE A 157 -7.21 -24.51 2.91
C ILE A 157 -7.50 -25.94 3.37
N LYS A 158 -7.22 -26.90 2.49
CA LYS A 158 -7.54 -28.30 2.81
C LYS A 158 -6.79 -28.79 4.04
N GLU A 159 -5.49 -28.49 4.12
CA GLU A 159 -4.70 -28.94 5.26
C GLU A 159 -5.05 -28.17 6.53
N TYR A 160 -5.54 -26.94 6.40
CA TYR A 160 -5.97 -26.20 7.58
C TYR A 160 -7.25 -26.79 8.15
N ILE A 161 -8.19 -27.17 7.29
CA ILE A 161 -9.43 -27.76 7.75
C ILE A 161 -9.16 -29.10 8.41
N ALA A 162 -8.28 -29.91 7.82
CA ALA A 162 -7.99 -31.22 8.39
C ALA A 162 -7.26 -31.08 9.72
N ASP A 163 -6.31 -30.14 9.80
CA ASP A 163 -5.56 -29.94 11.03
C ASP A 163 -6.40 -29.27 12.10
N GLY A 164 -7.33 -28.40 11.71
CA GLY A 164 -8.11 -27.63 12.67
C GLY A 164 -7.62 -26.22 12.88
N SER A 165 -6.53 -25.80 12.22
CA SER A 165 -6.07 -24.42 12.33
C SER A 165 -7.05 -23.44 11.71
N LEU A 166 -7.92 -23.89 10.80
CA LEU A 166 -9.07 -23.12 10.36
C LEU A 166 -10.32 -23.96 10.52
N VAL A 167 -11.43 -23.30 10.82
CA VAL A 167 -12.70 -23.98 11.07
C VAL A 167 -13.74 -23.43 10.12
N ARG A 168 -14.50 -24.33 9.50
CA ARG A 168 -15.61 -23.93 8.65
C ARG A 168 -16.69 -23.28 9.49
N ILE A 169 -17.15 -22.11 9.08
CA ILE A 169 -18.25 -21.45 9.78
C ILE A 169 -19.39 -21.26 8.80
N LEU A 170 -20.61 -21.16 9.32
CA LEU A 170 -21.83 -21.15 8.53
C LEU A 170 -21.83 -22.34 7.56
N PRO A 171 -21.82 -23.57 8.09
CA PRO A 171 -21.54 -24.74 7.24
C PRO A 171 -22.67 -25.10 6.29
N ASP A 172 -23.86 -24.51 6.45
CA ASP A 172 -24.92 -24.70 5.48
C ASP A 172 -24.76 -23.80 4.26
N TRP A 173 -23.77 -22.92 4.26
CA TRP A 173 -23.59 -21.95 3.19
C TRP A 173 -22.29 -22.21 2.44
N SER A 174 -22.27 -21.80 1.18
CA SER A 174 -21.10 -21.83 0.31
C SER A 174 -21.47 -21.19 -1.01
N ALA A 175 -20.45 -20.72 -1.72
CA ALA A 175 -20.63 -20.38 -3.12
C ALA A 175 -20.77 -21.65 -3.95
N ASN A 176 -21.49 -21.53 -5.05
CA ASN A 176 -21.73 -22.70 -5.89
C ASN A 176 -20.41 -23.15 -6.52
N PRO A 177 -20.15 -24.45 -6.60
CA PRO A 177 -18.87 -24.93 -7.12
C PRO A 177 -18.69 -24.53 -8.57
N ARG A 178 -17.43 -24.45 -8.98
CA ARG A 178 -17.06 -24.18 -10.36
C ARG A 178 -16.08 -25.25 -10.82
N ASP A 179 -16.14 -25.60 -12.11
CA ASP A 179 -15.27 -26.63 -12.65
C ASP A 179 -14.03 -26.02 -13.29
N ILE A 180 -12.90 -26.71 -13.15
CA ILE A 180 -11.65 -26.29 -13.76
C ILE A 180 -11.47 -27.09 -15.05
N TYR A 181 -11.32 -26.38 -16.16
CA TYR A 181 -11.21 -26.99 -17.48
C TYR A 181 -9.80 -26.81 -18.03
N MET A 182 -9.43 -27.71 -18.92
CA MET A 182 -8.21 -27.60 -19.71
C MET A 182 -8.61 -27.43 -21.17
N LEU A 183 -8.20 -26.32 -21.77
CA LEU A 183 -8.53 -26.02 -23.15
C LEU A 183 -7.28 -26.05 -24.03
N TYR A 184 -7.48 -26.35 -25.31
CA TYR A 184 -6.41 -26.21 -26.29
C TYR A 184 -7.04 -25.92 -27.65
N ASN A 185 -6.22 -25.92 -28.69
CA ASN A 185 -6.57 -25.42 -30.03
C ASN A 185 -6.85 -23.93 -29.99
N HIS A 189 -2.15 -31.38 -36.70
CA HIS A 189 -1.56 -30.04 -36.73
C HIS A 189 -1.01 -29.64 -35.37
N LEU A 190 -1.32 -30.43 -34.34
CA LEU A 190 -0.85 -30.12 -32.99
C LEU A 190 0.59 -30.57 -32.81
N PRO A 191 1.47 -29.71 -32.31
CA PRO A 191 2.87 -30.12 -32.12
C PRO A 191 2.99 -31.24 -31.10
N GLU A 192 4.10 -31.99 -31.23
CA GLU A 192 4.27 -33.21 -30.45
C GLU A 192 4.36 -32.91 -28.96
N LYS A 193 5.18 -31.93 -28.57
CA LYS A 193 5.38 -31.65 -27.16
C LYS A 193 4.08 -31.21 -26.50
N VAL A 194 3.27 -30.41 -27.21
CA VAL A 194 1.98 -30.01 -26.66
C VAL A 194 1.05 -31.20 -26.56
N ARG A 195 1.05 -32.06 -27.58
CA ARG A 195 0.23 -33.28 -27.53
C ARG A 195 0.65 -34.17 -26.37
N LEU A 196 1.96 -34.30 -26.14
CA LEU A 196 2.44 -35.13 -25.04
C LEU A 196 1.99 -34.58 -23.69
N PHE A 197 1.95 -33.25 -23.56
CA PHE A 197 1.51 -32.65 -22.31
C PHE A 197 0.02 -32.87 -22.08
N ILE A 198 -0.80 -32.71 -23.11
CA ILE A 198 -2.23 -32.93 -22.96
C ILE A 198 -2.51 -34.37 -22.62
N ASP A 199 -1.79 -35.30 -23.26
CA ASP A 199 -1.92 -36.71 -22.91
C ASP A 199 -1.54 -36.96 -21.46
N TYR A 200 -0.48 -36.29 -20.99
CA TYR A 200 -0.04 -36.47 -19.61
C TYR A 200 -1.10 -36.00 -18.62
N VAL A 201 -1.71 -34.85 -18.88
CA VAL A 201 -2.71 -34.30 -17.98
C VAL A 201 -3.93 -35.21 -17.91
N ILE A 202 -4.38 -35.72 -19.07
CA ILE A 202 -5.57 -36.58 -19.09
C ILE A 202 -5.32 -37.85 -18.29
N ALA A 203 -4.11 -38.39 -18.35
CA ALA A 203 -3.77 -39.63 -17.68
C ALA A 203 -3.24 -39.43 -16.26
N TYR A 204 -3.41 -38.24 -15.70
CA TYR A 204 -2.90 -37.96 -14.36
C TYR A 204 -3.77 -38.64 -13.30
N SER B 6 -11.04 3.56 12.14
CA SER B 6 -10.37 4.84 12.08
C SER B 6 -10.13 5.25 10.63
N GLY B 7 -10.70 4.50 9.69
CA GLY B 7 -10.67 4.81 8.28
C GLY B 7 -10.02 3.72 7.46
N LYS B 8 -9.75 4.04 6.20
CA LYS B 8 -9.19 3.11 5.23
C LYS B 8 -7.78 3.52 4.84
N ILE B 9 -6.89 2.53 4.78
CA ILE B 9 -5.52 2.72 4.29
C ILE B 9 -5.35 1.87 3.03
N LYS B 10 -4.78 2.48 1.99
CA LYS B 10 -4.56 1.82 0.71
C LYS B 10 -3.06 1.71 0.47
N ILE B 11 -2.53 0.50 0.52
CA ILE B 11 -1.08 0.30 0.41
C ILE B 11 -0.77 -0.63 -0.77
N SER B 12 0.47 -0.53 -1.24
CA SER B 12 0.97 -1.36 -2.34
C SER B 12 2.27 -2.02 -1.92
N THR B 13 2.38 -3.31 -2.15
CA THR B 13 3.55 -4.11 -1.77
C THR B 13 4.08 -4.84 -3.00
N PRO B 14 5.36 -5.23 -2.98
CA PRO B 14 5.91 -5.98 -4.11
C PRO B 14 5.23 -7.34 -4.25
N TYR B 15 5.17 -7.83 -5.48
CA TYR B 15 4.37 -9.01 -5.80
C TYR B 15 4.89 -10.25 -5.07
N ASN B 16 6.17 -10.58 -5.28
CA ASN B 16 6.69 -11.84 -4.76
C ASN B 16 6.98 -11.80 -3.26
N LEU B 17 7.19 -10.61 -2.69
CA LEU B 17 7.69 -10.49 -1.33
C LEU B 17 6.60 -10.20 -0.31
N THR B 18 5.33 -10.21 -0.70
CA THR B 18 4.29 -9.73 0.20
C THR B 18 4.01 -10.73 1.32
N LYS B 19 3.93 -12.02 1.00
CA LYS B 19 3.46 -12.99 1.98
C LYS B 19 4.44 -13.15 3.13
N ARG B 20 5.67 -13.57 2.84
CA ARG B 20 6.58 -13.93 3.92
C ARG B 20 7.30 -12.73 4.52
N MET B 21 7.20 -11.55 3.92
CA MET B 21 7.94 -10.38 4.40
C MET B 21 7.05 -9.25 4.90
N MET B 22 5.87 -9.06 4.33
CA MET B 22 5.02 -7.93 4.71
C MET B 22 3.85 -8.33 5.60
N MET B 23 3.35 -9.56 5.45
CA MET B 23 2.12 -9.99 6.12
C MET B 23 2.25 -10.10 7.64
N PRO B 24 3.36 -10.61 8.19
CA PRO B 24 3.49 -10.59 9.67
C PRO B 24 3.35 -9.18 10.24
N MET B 25 3.88 -8.19 9.55
CA MET B 25 3.78 -6.81 10.03
C MET B 25 2.38 -6.25 9.82
N LEU B 26 1.77 -6.52 8.66
CA LEU B 26 0.41 -6.06 8.41
C LEU B 26 -0.59 -6.76 9.32
N ASN B 27 -0.41 -8.05 9.57
CA ASN B 27 -1.29 -8.77 10.47
C ASN B 27 -1.21 -8.20 11.89
N GLY B 28 0.01 -7.88 12.35
CA GLY B 28 0.17 -7.28 13.66
C GLY B 28 -0.45 -5.90 13.75
N PHE B 29 -0.38 -5.13 12.67
CA PHE B 29 -0.95 -3.79 12.69
C PHE B 29 -2.47 -3.83 12.76
N MET B 30 -3.10 -4.76 12.03
CA MET B 30 -4.56 -4.82 12.03
C MET B 30 -5.08 -5.31 13.36
N SER B 31 -4.38 -6.26 13.99
CA SER B 31 -4.81 -6.74 15.30
C SER B 31 -4.73 -5.63 16.34
N GLN B 32 -3.80 -4.70 16.19
CA GLN B 32 -3.62 -3.63 17.15
C GLN B 32 -4.61 -2.49 16.95
N TYR B 33 -5.05 -2.25 15.70
CA TYR B 33 -6.00 -1.19 15.38
C TYR B 33 -7.18 -1.81 14.65
N PRO B 34 -8.10 -2.47 15.37
CA PRO B 34 -9.19 -3.20 14.71
C PRO B 34 -10.16 -2.33 13.94
N GLU B 35 -10.13 -1.01 14.11
CA GLU B 35 -11.04 -0.13 13.38
C GLU B 35 -10.40 0.47 12.14
N ILE B 36 -9.16 0.09 11.84
CA ILE B 36 -8.49 0.50 10.61
C ILE B 36 -8.57 -0.64 9.62
N ASN B 37 -9.10 -0.36 8.44
N ASN B 37 -9.07 -0.37 8.42
CA ASN B 37 -9.16 -1.32 7.35
CA ASN B 37 -9.15 -1.39 7.37
C ASN B 37 -7.97 -1.10 6.40
C ASN B 37 -8.10 -1.11 6.31
N ILE B 38 -7.53 -2.19 5.77
CA ILE B 38 -6.40 -2.13 4.85
C ILE B 38 -6.86 -2.64 3.49
N GLU B 39 -6.58 -1.85 2.45
CA GLU B 39 -6.72 -2.28 1.07
C GLU B 39 -5.30 -2.51 0.54
N LEU B 40 -4.96 -3.76 0.28
CA LEU B 40 -3.63 -4.16 -0.15
C LEU B 40 -3.65 -4.53 -1.62
N THR B 41 -2.64 -4.06 -2.36
CA THR B 41 -2.49 -4.38 -3.77
C THR B 41 -1.07 -4.85 -4.01
N THR B 42 -0.90 -6.14 -4.24
CA THR B 42 0.40 -6.66 -4.67
C THR B 42 0.65 -6.25 -6.10
N GLU B 43 1.80 -5.61 -6.35
CA GLU B 43 2.10 -5.04 -7.65
C GLU B 43 3.49 -5.49 -8.10
N SER B 44 3.59 -5.91 -9.36
CA SER B 44 4.86 -6.37 -9.92
C SER B 44 5.75 -5.25 -10.40
N ASN B 45 5.26 -4.01 -10.44
CA ASN B 45 6.09 -2.87 -10.88
C ASN B 45 5.64 -1.64 -10.11
N ALA B 46 6.43 -1.24 -9.11
CA ALA B 46 6.15 0.00 -8.38
C ALA B 46 6.35 1.23 -9.25
N ASP B 47 7.13 1.11 -10.33
CA ASP B 47 7.32 2.19 -11.29
C ASP B 47 6.15 2.35 -12.24
N GLN B 48 5.02 1.66 -11.99
CA GLN B 48 3.80 1.83 -12.75
C GLN B 48 2.74 2.61 -11.98
N LEU B 49 3.05 3.09 -10.78
CA LEU B 49 2.08 3.66 -9.87
C LEU B 49 2.22 5.17 -9.79
N ASP B 50 1.08 5.85 -9.65
CA ASP B 50 1.05 7.28 -9.38
C ASP B 50 0.93 7.47 -7.87
N PRO B 51 1.90 8.12 -7.22
CA PRO B 51 1.92 8.13 -5.75
C PRO B 51 0.69 8.74 -5.11
N THR B 52 -0.01 9.66 -5.78
CA THR B 52 -1.15 10.31 -5.17
C THR B 52 -2.36 9.40 -5.02
N GLU B 53 -2.29 8.18 -5.54
CA GLU B 53 -3.38 7.22 -5.42
C GLU B 53 -3.16 6.22 -4.30
N TRP B 54 -2.10 6.38 -3.51
CA TRP B 54 -1.79 5.45 -2.43
C TRP B 54 -1.44 6.22 -1.17
N ASP B 55 -1.71 5.61 -0.02
CA ASP B 55 -1.26 6.18 1.25
C ASP B 55 0.18 5.79 1.53
N VAL B 56 0.51 4.51 1.38
CA VAL B 56 1.85 3.99 1.57
C VAL B 56 2.17 3.04 0.42
N ILE B 57 3.41 3.10 -0.07
CA ILE B 57 3.88 2.19 -1.11
C ILE B 57 5.16 1.52 -0.61
N PHE B 58 5.17 0.19 -0.62
CA PHE B 58 6.34 -0.60 -0.27
C PHE B 58 7.00 -1.07 -1.57
N ARG B 59 8.29 -0.77 -1.71
CA ARG B 59 8.94 -0.87 -3.00
C ARG B 59 10.36 -1.41 -2.83
N VAL B 60 10.82 -2.13 -3.85
CA VAL B 60 12.21 -2.60 -3.90
C VAL B 60 13.06 -1.58 -4.66
N GLY B 61 14.21 -1.24 -4.09
CA GLY B 61 15.08 -0.26 -4.70
C GLY B 61 14.57 1.16 -4.57
N PRO B 62 15.39 2.14 -4.94
CA PRO B 62 15.00 3.54 -4.81
C PRO B 62 14.01 3.97 -5.89
N GLN B 63 13.27 5.02 -5.56
CA GLN B 63 12.28 5.58 -6.49
C GLN B 63 12.86 6.76 -7.27
N LEU B 68 7.09 10.51 -1.86
CA LEU B 68 8.31 11.26 -2.06
C LEU B 68 9.21 11.18 -0.82
N ILE B 69 8.65 10.70 0.29
CA ILE B 69 9.42 10.44 1.50
C ILE B 69 9.82 8.97 1.49
N ALA B 70 11.12 8.70 1.61
CA ALA B 70 11.63 7.34 1.54
C ALA B 70 12.22 6.94 2.89
N ARG B 71 12.06 5.66 3.23
CA ARG B 71 12.57 5.14 4.48
C ARG B 71 12.93 3.67 4.26
N LYS B 72 14.19 3.33 4.50
CA LYS B 72 14.62 1.95 4.36
C LYS B 72 14.10 1.11 5.52
N ILE B 73 13.52 -0.05 5.19
CA ILE B 73 13.00 -0.98 6.19
C ILE B 73 13.59 -2.37 6.04
N GLY B 74 14.47 -2.59 5.06
CA GLY B 74 15.07 -3.89 4.89
C GLY B 74 15.83 -3.95 3.58
N SER B 75 16.40 -5.12 3.31
CA SER B 75 17.11 -5.33 2.07
C SER B 75 16.93 -6.79 1.65
N VAL B 76 17.20 -7.06 0.39
CA VAL B 76 17.08 -8.42 -0.15
C VAL B 76 18.17 -8.62 -1.19
N LYS B 77 18.64 -9.86 -1.31
CA LYS B 77 19.55 -10.25 -2.37
C LYS B 77 19.10 -11.57 -2.96
N ASP B 78 19.08 -11.66 -4.28
CA ASP B 78 18.69 -12.89 -4.95
C ASP B 78 19.89 -13.82 -5.05
N ILE B 79 19.66 -15.10 -4.75
CA ILE B 79 20.71 -16.10 -4.70
C ILE B 79 20.31 -17.28 -5.58
N LEU B 80 21.32 -18.00 -6.05
CA LEU B 80 21.11 -19.21 -6.84
C LEU B 80 21.07 -20.43 -5.93
N VAL B 81 19.98 -21.21 -6.04
CA VAL B 81 19.77 -22.37 -5.19
C VAL B 81 19.30 -23.56 -6.01
N ALA B 82 19.40 -24.74 -5.40
CA ALA B 82 18.91 -25.98 -5.99
C ALA B 82 18.68 -26.99 -4.88
N SER B 83 17.78 -27.94 -5.13
CA SER B 83 17.51 -28.96 -4.14
C SER B 83 18.67 -29.94 -4.07
N PRO B 84 18.87 -30.62 -2.93
CA PRO B 84 19.97 -31.60 -2.85
C PRO B 84 19.82 -32.73 -3.84
N GLU B 85 18.58 -33.11 -4.16
CA GLU B 85 18.36 -34.13 -5.19
C GLU B 85 19.00 -33.73 -6.51
N TYR B 86 18.88 -32.45 -6.90
CA TYR B 86 19.47 -32.00 -8.15
C TYR B 86 20.98 -31.88 -8.04
N VAL B 87 21.47 -31.45 -6.87
CA VAL B 87 22.92 -31.32 -6.69
C VAL B 87 23.58 -32.68 -6.76
N ASN B 88 22.98 -33.69 -6.12
CA ASN B 88 23.55 -35.03 -6.13
C ASN B 88 23.56 -35.67 -7.51
N ALA B 89 22.77 -35.14 -8.45
CA ALA B 89 22.59 -35.78 -9.75
C ALA B 89 23.37 -35.11 -10.87
N HIS B 90 24.09 -34.02 -10.60
CA HIS B 90 24.85 -33.33 -11.61
C HIS B 90 26.08 -32.70 -10.97
N PRO B 91 27.15 -32.49 -11.72
CA PRO B 91 28.28 -31.70 -11.20
C PRO B 91 27.90 -30.22 -11.16
N MET B 92 27.91 -29.65 -9.95
CA MET B 92 27.42 -28.30 -9.76
C MET B 92 28.39 -27.28 -10.35
N PRO B 93 27.88 -26.18 -10.90
CA PRO B 93 28.74 -25.22 -11.58
C PRO B 93 29.73 -24.56 -10.63
N THR B 94 31.00 -24.57 -11.02
CA THR B 94 32.03 -23.87 -10.27
C THR B 94 32.23 -22.44 -10.75
N HIS B 95 31.88 -22.15 -12.00
CA HIS B 95 31.93 -20.81 -12.55
C HIS B 95 30.54 -20.41 -13.03
N ALA B 96 30.26 -19.10 -12.97
CA ALA B 96 28.92 -18.63 -13.28
C ALA B 96 28.51 -18.94 -14.71
N GLU B 97 29.48 -19.02 -15.63
CA GLU B 97 29.14 -19.36 -17.01
C GLU B 97 28.80 -20.82 -17.20
N ASP B 98 29.11 -21.69 -16.22
CA ASP B 98 28.68 -23.08 -16.31
C ASP B 98 27.17 -23.22 -16.17
N LEU B 99 26.46 -22.15 -15.83
CA LEU B 99 25.01 -22.20 -15.75
C LEU B 99 24.37 -22.54 -17.09
N HIS B 100 25.10 -22.37 -18.19
CA HIS B 100 24.59 -22.76 -19.50
C HIS B 100 24.50 -24.27 -19.67
N ASP B 101 25.11 -25.05 -18.79
CA ASP B 101 25.06 -26.50 -18.87
C ASP B 101 23.97 -27.10 -17.98
N HIS B 102 23.20 -26.28 -17.27
CA HIS B 102 22.26 -26.77 -16.30
C HIS B 102 20.83 -26.36 -16.65
N PHE B 103 19.88 -27.08 -16.07
CA PHE B 103 18.48 -26.69 -16.17
C PHE B 103 18.24 -25.44 -15.32
N LEU B 104 17.62 -24.43 -15.91
CA LEU B 104 17.35 -23.19 -15.21
C LEU B 104 15.85 -23.02 -15.01
N LEU B 105 15.48 -22.48 -13.85
CA LEU B 105 14.10 -22.17 -13.52
C LEU B 105 14.03 -20.69 -13.19
N LYS B 106 13.26 -19.92 -13.98
CA LYS B 106 13.31 -18.47 -13.90
C LYS B 106 11.92 -17.89 -13.72
N GLY B 107 11.81 -16.91 -12.84
CA GLY B 107 10.54 -16.30 -12.53
C GLY B 107 10.63 -14.79 -12.58
N HIS B 108 9.57 -14.18 -13.10
CA HIS B 108 9.50 -12.73 -13.16
C HIS B 108 9.57 -12.14 -11.74
N PRO B 109 10.34 -11.06 -11.53
CA PRO B 109 11.10 -10.28 -12.51
C PRO B 109 12.56 -10.71 -12.67
N LEU B 110 12.87 -11.95 -12.36
CA LEU B 110 14.23 -12.47 -12.46
C LEU B 110 14.39 -13.39 -13.67
N LEU B 111 13.75 -13.03 -14.79
CA LEU B 111 13.97 -13.79 -16.02
C LEU B 111 15.39 -13.57 -16.52
N LYS B 112 15.89 -12.35 -16.42
CA LYS B 112 17.26 -12.02 -16.81
C LYS B 112 18.12 -12.01 -15.56
N TRP B 113 19.14 -12.86 -15.54
CA TRP B 113 19.99 -13.06 -14.37
C TRP B 113 21.23 -12.18 -14.52
N THR B 114 21.23 -11.03 -13.84
CA THR B 114 22.42 -10.20 -13.74
C THR B 114 23.11 -10.56 -12.43
N LEU B 115 24.02 -11.52 -12.50
CA LEU B 115 24.75 -12.00 -11.34
C LEU B 115 26.09 -11.30 -11.23
N ILE B 116 26.52 -11.06 -9.99
CA ILE B 116 27.75 -10.33 -9.69
C ILE B 116 28.46 -11.02 -8.53
N ASN B 117 29.79 -11.05 -8.59
CA ASN B 117 30.58 -11.65 -7.54
C ASN B 117 31.10 -10.59 -6.58
N SER B 118 31.93 -11.01 -5.63
CA SER B 118 32.42 -10.11 -4.59
C SER B 118 33.39 -9.07 -5.12
N LYS B 119 33.81 -9.17 -6.38
CA LYS B 119 34.72 -8.21 -6.98
C LYS B 119 34.06 -7.34 -8.04
N GLY B 120 32.72 -7.33 -8.08
CA GLY B 120 31.99 -6.47 -8.99
C GLY B 120 31.85 -6.98 -10.40
N GLU B 121 32.49 -8.09 -10.75
CA GLU B 121 32.37 -8.64 -12.10
C GLU B 121 30.94 -9.12 -12.33
N THR B 122 30.44 -8.90 -13.54
CA THR B 122 29.06 -9.20 -13.89
C THR B 122 29.03 -10.32 -14.92
N VAL B 123 28.17 -11.31 -14.70
CA VAL B 123 27.90 -12.34 -15.68
C VAL B 123 26.39 -12.37 -15.88
N VAL B 124 25.95 -12.18 -17.12
CA VAL B 124 24.54 -12.20 -17.46
C VAL B 124 24.19 -13.57 -18.03
N ASN B 125 23.05 -14.11 -17.59
CA ASN B 125 22.49 -15.34 -18.14
C ASN B 125 21.09 -15.04 -18.65
N VAL B 126 20.85 -15.33 -19.93
CA VAL B 126 19.54 -15.11 -20.53
C VAL B 126 19.12 -16.36 -21.28
N ASP B 127 19.61 -17.51 -20.85
CA ASP B 127 19.20 -18.78 -21.44
C ASP B 127 17.73 -19.04 -21.15
N ARG B 128 17.06 -19.70 -22.09
CA ARG B 128 15.72 -20.17 -21.84
C ARG B 128 15.74 -21.19 -20.71
N GLY B 129 14.91 -20.97 -19.70
CA GLY B 129 14.82 -21.91 -18.61
C GLY B 129 14.04 -23.16 -19.00
N ARG B 130 14.29 -24.24 -18.25
CA ARG B 130 13.42 -25.40 -18.36
C ARG B 130 11.99 -25.02 -17.97
N PHE B 131 11.84 -24.21 -16.93
CA PHE B 131 10.56 -23.70 -16.47
C PHE B 131 10.67 -22.19 -16.32
N GLN B 132 9.75 -21.47 -16.95
CA GLN B 132 9.66 -20.02 -16.81
C GLN B 132 8.24 -19.63 -16.43
N ALA B 133 8.13 -18.68 -15.51
CA ALA B 133 6.83 -18.26 -15.01
C ALA B 133 6.89 -16.79 -14.60
N ASN B 134 5.71 -16.20 -14.41
CA ASN B 134 5.59 -14.81 -13.99
C ASN B 134 5.46 -14.65 -12.48
N ALA B 135 5.70 -15.72 -11.72
CA ALA B 135 5.64 -15.71 -10.27
C ALA B 135 6.75 -16.61 -9.72
N LEU B 136 7.41 -16.14 -8.67
CA LEU B 136 8.52 -16.91 -8.12
C LEU B 136 8.06 -18.06 -7.24
N ASN B 137 6.86 -17.98 -6.65
CA ASN B 137 6.42 -19.04 -5.74
C ASN B 137 6.27 -20.37 -6.46
N VAL B 138 5.82 -20.34 -7.72
CA VAL B 138 5.74 -21.57 -8.50
C VAL B 138 7.13 -22.01 -8.95
N VAL B 139 8.03 -21.06 -9.17
CA VAL B 139 9.39 -21.43 -9.55
C VAL B 139 10.11 -22.10 -8.39
N ARG B 140 9.88 -21.62 -7.16
CA ARG B 140 10.47 -22.28 -6.00
C ARG B 140 9.98 -23.71 -5.87
N SER B 141 8.68 -23.93 -6.11
CA SER B 141 8.11 -25.27 -6.04
C SER B 141 8.83 -26.22 -6.97
N ALA B 142 9.12 -25.78 -8.20
CA ALA B 142 9.81 -26.65 -9.15
C ALA B 142 11.27 -26.85 -8.73
N CYS B 143 11.88 -25.85 -8.10
CA CYS B 143 13.25 -26.02 -7.62
C CYS B 143 13.33 -27.02 -6.48
N SER B 144 12.35 -26.98 -5.57
CA SER B 144 12.32 -27.93 -4.47
C SER B 144 12.15 -29.37 -4.95
N GLU B 145 11.52 -29.56 -6.11
CA GLU B 145 11.39 -30.89 -6.69
C GLU B 145 12.64 -31.33 -7.44
N GLY B 146 13.68 -30.51 -7.48
CA GLY B 146 14.93 -30.91 -8.11
C GLY B 146 14.99 -30.75 -9.61
N LEU B 147 14.22 -29.81 -10.17
CA LEU B 147 14.17 -29.64 -11.61
C LEU B 147 15.19 -28.64 -12.14
N GLY B 148 16.10 -28.14 -11.32
CA GLY B 148 17.16 -27.29 -11.80
C GLY B 148 17.51 -26.20 -10.81
N ILE B 149 18.26 -25.22 -11.30
CA ILE B 149 18.78 -24.11 -10.52
C ILE B 149 17.92 -22.87 -10.77
N THR B 150 17.68 -22.09 -9.72
CA THR B 150 16.86 -20.90 -9.83
C THR B 150 17.52 -19.74 -9.10
N LEU B 151 17.14 -18.52 -9.50
CA LEU B 151 17.55 -17.31 -8.83
C LEU B 151 16.38 -16.80 -8.00
N MET B 152 16.56 -16.71 -6.69
CA MET B 152 15.46 -16.51 -5.76
C MET B 152 15.83 -15.55 -4.63
N PRO B 153 14.93 -14.65 -4.26
CA PRO B 153 15.18 -13.80 -3.09
C PRO B 153 15.39 -14.64 -1.84
N ASP B 154 16.48 -14.36 -1.13
CA ASP B 154 16.82 -15.16 0.05
C ASP B 154 15.76 -15.04 1.14
N VAL B 155 15.05 -13.90 1.20
CA VAL B 155 13.99 -13.72 2.18
C VAL B 155 12.85 -14.71 1.92
N MET B 156 12.63 -15.08 0.66
CA MET B 156 11.54 -16.00 0.32
C MET B 156 11.83 -17.43 0.71
N ILE B 157 13.08 -17.79 0.96
CA ILE B 157 13.44 -19.19 1.17
C ILE B 157 14.30 -19.37 2.41
N LYS B 158 14.14 -18.47 3.39
CA LYS B 158 14.83 -18.63 4.68
C LYS B 158 14.53 -19.99 5.29
N GLU B 159 13.30 -20.49 5.10
CA GLU B 159 12.88 -21.74 5.74
C GLU B 159 13.64 -22.94 5.17
N TYR B 160 13.90 -22.96 3.86
CA TYR B 160 14.51 -24.12 3.23
C TYR B 160 16.04 -24.10 3.35
N ILE B 161 16.65 -22.93 3.33
CA ILE B 161 18.10 -22.85 3.53
C ILE B 161 18.46 -23.25 4.95
N ALA B 162 17.53 -23.08 5.89
CA ALA B 162 17.84 -23.33 7.29
C ALA B 162 18.17 -24.79 7.55
N ASP B 163 17.52 -25.71 6.83
CA ASP B 163 17.74 -27.14 7.04
C ASP B 163 18.28 -27.84 5.81
N GLY B 164 18.66 -27.09 4.77
CA GLY B 164 19.29 -27.68 3.61
C GLY B 164 18.35 -28.24 2.57
N SER B 165 17.04 -27.97 2.68
CA SER B 165 16.12 -28.40 1.65
C SER B 165 16.40 -27.69 0.33
N LEU B 166 16.89 -26.48 0.39
CA LEU B 166 17.46 -25.81 -0.77
C LEU B 166 18.90 -25.47 -0.45
N VAL B 167 19.79 -25.71 -1.41
CA VAL B 167 21.22 -25.52 -1.24
C VAL B 167 21.64 -24.32 -2.08
N ARG B 168 22.48 -23.46 -1.51
CA ARG B 168 23.04 -22.35 -2.27
C ARG B 168 24.19 -22.84 -3.13
N ILE B 169 24.14 -22.52 -4.42
CA ILE B 169 25.21 -22.89 -5.35
C ILE B 169 25.86 -21.62 -5.86
N LEU B 170 27.14 -21.74 -6.23
CA LEU B 170 27.99 -20.61 -6.58
C LEU B 170 27.91 -19.57 -5.48
N PRO B 171 28.44 -19.85 -4.29
CA PRO B 171 28.24 -18.94 -3.15
C PRO B 171 28.88 -17.56 -3.32
N ASP B 172 29.89 -17.42 -4.18
CA ASP B 172 30.50 -16.11 -4.39
C ASP B 172 29.67 -15.20 -5.28
N TRP B 173 28.64 -15.74 -5.94
CA TRP B 173 27.83 -14.98 -6.88
C TRP B 173 26.47 -14.66 -6.29
N SER B 174 25.87 -13.59 -6.80
CA SER B 174 24.57 -13.13 -6.34
C SER B 174 24.08 -12.05 -7.29
N ALA B 175 22.78 -11.79 -7.22
CA ALA B 175 22.27 -10.56 -7.81
C ALA B 175 22.71 -9.37 -6.95
N ASN B 176 22.56 -8.18 -7.49
CA ASN B 176 22.94 -6.99 -6.72
C ASN B 176 21.95 -6.80 -5.58
N PRO B 177 22.40 -6.76 -4.32
CA PRO B 177 21.47 -6.54 -3.22
C PRO B 177 20.81 -5.17 -3.32
N ARG B 178 19.49 -5.16 -3.10
CA ARG B 178 18.71 -3.94 -3.18
C ARG B 178 17.88 -3.77 -1.92
N ASP B 179 17.55 -2.52 -1.60
CA ASP B 179 16.86 -2.21 -0.37
C ASP B 179 15.36 -2.14 -0.57
N ILE B 180 14.63 -2.26 0.53
CA ILE B 180 13.17 -2.20 0.54
C ILE B 180 12.76 -0.91 1.24
N TYR B 181 12.00 -0.08 0.52
CA TYR B 181 11.66 1.25 0.99
C TYR B 181 10.15 1.37 1.20
N MET B 182 9.77 2.08 2.26
CA MET B 182 8.40 2.50 2.48
C MET B 182 8.25 3.96 2.08
N LEU B 183 7.29 4.24 1.21
CA LEU B 183 7.10 5.57 0.64
C LEU B 183 5.75 6.15 1.06
N TYR B 184 5.70 7.47 1.16
CA TYR B 184 4.45 8.18 1.40
C TYR B 184 4.65 9.64 1.00
N ASN B 185 3.55 10.39 1.04
CA ASN B 185 3.50 11.75 0.52
C ASN B 185 3.66 12.78 1.64
N HIS B 186 3.91 14.02 1.24
CA HIS B 186 4.08 15.12 2.18
C HIS B 186 2.78 15.90 2.35
N LEU B 190 -1.70 14.82 6.39
CA LEU B 190 -1.43 13.42 6.73
C LEU B 190 -2.46 12.89 7.73
N PRO B 191 -3.22 11.88 7.33
CA PRO B 191 -4.27 11.36 8.22
C PRO B 191 -3.68 10.68 9.44
N GLU B 192 -4.48 10.66 10.51
CA GLU B 192 -4.05 10.02 11.75
C GLU B 192 -3.80 8.53 11.55
N LYS B 193 -4.66 7.86 10.77
CA LYS B 193 -4.50 6.43 10.55
C LYS B 193 -3.24 6.10 9.77
N VAL B 194 -2.80 7.02 8.90
CA VAL B 194 -1.61 6.75 8.09
C VAL B 194 -0.34 6.91 8.90
N ARG B 195 -0.27 7.93 9.76
CA ARG B 195 0.92 8.12 10.58
C ARG B 195 1.08 6.99 11.58
N LEU B 196 -0.04 6.49 12.13
CA LEU B 196 0.02 5.32 12.99
C LEU B 196 0.65 4.14 12.27
N PHE B 197 0.24 3.90 11.02
CA PHE B 197 0.81 2.83 10.23
C PHE B 197 2.30 3.07 9.98
N ILE B 198 2.65 4.30 9.57
CA ILE B 198 4.05 4.61 9.28
C ILE B 198 4.91 4.44 10.53
N ASP B 199 4.40 4.89 11.68
CA ASP B 199 5.15 4.73 12.91
C ASP B 199 5.27 3.27 13.31
N TYR B 200 4.20 2.49 13.10
CA TYR B 200 4.22 1.08 13.45
C TYR B 200 5.24 0.30 12.61
N VAL B 201 5.36 0.66 11.33
CA VAL B 201 6.26 -0.07 10.43
C VAL B 201 7.72 0.16 10.81
N ILE B 202 8.06 1.38 11.26
CA ILE B 202 9.45 1.66 11.62
C ILE B 202 9.83 0.94 12.91
N ALA B 203 8.91 0.87 13.86
CA ALA B 203 9.18 0.21 15.13
C ALA B 203 9.25 -1.31 15.00
N TYR B 204 8.82 -1.87 13.88
CA TYR B 204 8.77 -3.32 13.75
C TYR B 204 10.17 -3.94 13.72
N GLY C 4 -29.61 38.31 -7.15
CA GLY C 4 -29.01 37.41 -6.18
C GLY C 4 -28.65 36.03 -6.70
N ALA C 5 -28.64 35.88 -8.03
CA ALA C 5 -28.35 34.60 -8.68
C ALA C 5 -26.90 34.60 -9.12
N SER C 6 -26.01 34.32 -8.16
CA SER C 6 -24.58 34.41 -8.42
C SER C 6 -23.85 33.56 -7.39
N GLY C 7 -23.01 32.65 -7.85
CA GLY C 7 -22.21 31.85 -6.95
C GLY C 7 -21.72 30.59 -7.61
N LYS C 8 -20.86 29.88 -6.89
CA LYS C 8 -20.34 28.60 -7.35
C LYS C 8 -21.31 27.49 -6.96
N ILE C 9 -21.60 26.61 -7.90
CA ILE C 9 -22.42 25.43 -7.64
C ILE C 9 -21.60 24.22 -8.05
N LYS C 10 -21.24 23.39 -7.08
CA LYS C 10 -20.45 22.19 -7.34
C LYS C 10 -21.40 21.01 -7.50
N ILE C 11 -21.36 20.37 -8.67
CA ILE C 11 -22.26 19.27 -8.98
C ILE C 11 -21.45 18.04 -9.37
N SER C 12 -22.07 16.87 -9.16
CA SER C 12 -21.47 15.59 -9.49
C SER C 12 -22.43 14.82 -10.37
N THR C 13 -21.97 14.37 -11.53
CA THR C 13 -22.79 13.69 -12.52
C THR C 13 -22.15 12.38 -12.92
N PRO C 14 -22.95 11.42 -13.43
CA PRO C 14 -22.40 10.11 -13.79
C PRO C 14 -21.45 10.12 -14.98
N TYR C 15 -20.92 8.94 -15.29
CA TYR C 15 -19.71 8.81 -16.10
C TYR C 15 -19.98 9.13 -17.57
N ASN C 16 -20.92 8.42 -18.19
CA ASN C 16 -21.07 8.47 -19.63
C ASN C 16 -22.30 9.24 -20.10
N LEU C 17 -23.22 9.58 -19.21
CA LEU C 17 -24.48 10.20 -19.60
C LEU C 17 -24.48 11.71 -19.41
N THR C 18 -23.36 12.29 -18.97
CA THR C 18 -23.33 13.72 -18.68
C THR C 18 -23.42 14.54 -19.96
N LYS C 19 -22.67 14.15 -20.99
CA LYS C 19 -22.54 15.00 -22.17
C LYS C 19 -23.87 15.19 -22.89
N ARG C 20 -24.66 14.13 -23.00
CA ARG C 20 -25.90 14.19 -23.77
C ARG C 20 -27.13 14.47 -22.91
N MET C 21 -27.19 13.89 -21.71
CA MET C 21 -28.39 13.99 -20.90
C MET C 21 -28.34 15.15 -19.92
N MET C 22 -27.17 15.52 -19.43
CA MET C 22 -27.06 16.56 -18.41
C MET C 22 -26.59 17.90 -18.96
N MET C 23 -25.68 17.90 -19.94
CA MET C 23 -25.06 19.12 -20.42
C MET C 23 -26.01 20.11 -21.09
N PRO C 24 -26.98 19.67 -21.92
CA PRO C 24 -27.90 20.65 -22.51
C PRO C 24 -28.66 21.42 -21.45
N MET C 25 -29.06 20.72 -20.39
CA MET C 25 -29.70 21.38 -19.25
C MET C 25 -28.73 22.31 -18.53
N LEU C 26 -27.46 21.89 -18.40
CA LEU C 26 -26.46 22.70 -17.72
C LEU C 26 -26.08 23.93 -18.56
N ASN C 27 -25.94 23.74 -19.87
CA ASN C 27 -25.60 24.87 -20.73
C ASN C 27 -26.70 25.92 -20.69
N GLY C 28 -27.96 25.48 -20.67
CA GLY C 28 -29.06 26.43 -20.66
C GLY C 28 -29.14 27.22 -19.37
N PHE C 29 -28.87 26.56 -18.24
CA PHE C 29 -28.88 27.25 -16.96
C PHE C 29 -27.77 28.29 -16.89
N MET C 30 -26.56 27.93 -17.34
CA MET C 30 -25.46 28.89 -17.32
C MET C 30 -25.73 30.07 -18.24
N SER C 31 -26.37 29.82 -19.37
CA SER C 31 -26.66 30.88 -20.33
C SER C 31 -27.67 31.87 -19.78
N GLN C 32 -28.59 31.40 -18.93
CA GLN C 32 -29.61 32.28 -18.35
C GLN C 32 -29.06 33.08 -17.19
N TYR C 33 -28.21 32.47 -16.36
CA TYR C 33 -27.65 33.11 -15.17
C TYR C 33 -26.14 33.25 -15.35
N PRO C 34 -25.67 34.34 -15.94
CA PRO C 34 -24.24 34.46 -16.28
C PRO C 34 -23.33 34.67 -15.09
N GLU C 35 -23.87 35.01 -13.92
CA GLU C 35 -23.05 35.24 -12.74
C GLU C 35 -22.89 34.00 -11.88
N ILE C 36 -23.29 32.83 -12.39
CA ILE C 36 -23.21 31.57 -11.66
C ILE C 36 -22.13 30.71 -12.30
N ASN C 37 -21.21 30.21 -11.48
CA ASN C 37 -20.16 29.31 -11.92
C ASN C 37 -20.50 27.88 -11.51
N ILE C 38 -20.28 26.95 -12.43
CA ILE C 38 -20.59 25.54 -12.22
C ILE C 38 -19.29 24.76 -12.27
N GLU C 39 -19.01 24.02 -11.20
CA GLU C 39 -17.84 23.15 -11.12
C GLU C 39 -18.33 21.71 -11.18
N LEU C 40 -17.95 20.99 -12.23
CA LEU C 40 -18.55 19.71 -12.59
C LEU C 40 -17.55 18.58 -12.39
N THR C 41 -18.03 17.47 -11.83
CA THR C 41 -17.21 16.29 -11.54
C THR C 41 -17.96 15.06 -12.04
N THR C 42 -17.40 14.39 -13.05
CA THR C 42 -17.98 13.16 -13.57
C THR C 42 -17.53 11.99 -12.71
N GLU C 43 -18.48 11.31 -12.09
CA GLU C 43 -18.20 10.26 -11.12
C GLU C 43 -18.65 8.90 -11.64
N SER C 44 -17.90 7.87 -11.26
CA SER C 44 -18.28 6.49 -11.54
C SER C 44 -19.02 5.84 -10.38
N ASN C 45 -18.58 6.09 -9.15
CA ASN C 45 -19.23 5.57 -7.95
C ASN C 45 -19.95 6.71 -7.25
N ALA C 46 -21.27 6.60 -7.14
CA ALA C 46 -22.08 7.62 -6.49
C ALA C 46 -22.53 7.24 -5.08
N ASP C 47 -22.50 5.95 -4.74
CA ASP C 47 -22.94 5.51 -3.42
C ASP C 47 -21.99 6.00 -2.33
N GLN C 48 -20.70 6.11 -2.63
CA GLN C 48 -19.74 6.57 -1.63
C GLN C 48 -19.31 8.02 -1.91
N LEU C 49 -20.28 8.89 -2.17
CA LEU C 49 -20.06 10.32 -2.27
C LEU C 49 -20.49 10.98 -0.98
N ASP C 50 -19.68 11.91 -0.48
CA ASP C 50 -20.06 12.67 0.70
C ASP C 50 -21.02 13.78 0.29
N PRO C 51 -22.28 13.75 0.72
CA PRO C 51 -23.23 14.79 0.33
C PRO C 51 -22.81 16.18 0.78
N THR C 52 -22.02 16.30 1.85
CA THR C 52 -21.57 17.61 2.31
C THR C 52 -20.51 18.23 1.40
N GLU C 53 -19.99 17.48 0.44
CA GLU C 53 -19.02 18.02 -0.51
C GLU C 53 -19.69 18.62 -1.74
N TRP C 54 -20.98 18.39 -1.96
CA TRP C 54 -21.64 18.71 -3.21
C TRP C 54 -22.91 19.53 -2.97
N ASP C 55 -23.19 20.41 -3.91
CA ASP C 55 -24.45 21.15 -3.86
C ASP C 55 -25.58 20.34 -4.45
N VAL C 56 -25.36 19.72 -5.61
CA VAL C 56 -26.33 18.86 -6.27
C VAL C 56 -25.60 17.63 -6.77
N ILE C 57 -26.26 16.48 -6.70
CA ILE C 57 -25.70 15.21 -7.15
C ILE C 57 -26.67 14.57 -8.14
N PHE C 58 -26.12 14.11 -9.27
CA PHE C 58 -26.86 13.29 -10.23
C PHE C 58 -26.29 11.89 -10.19
N ARG C 59 -27.15 10.90 -9.94
CA ARG C 59 -26.71 9.53 -9.75
C ARG C 59 -27.65 8.57 -10.46
N VAL C 60 -27.15 7.36 -10.71
CA VAL C 60 -27.91 6.31 -11.36
C VAL C 60 -28.43 5.35 -10.30
N GLY C 61 -29.72 5.05 -10.35
CA GLY C 61 -30.30 4.09 -9.45
C GLY C 61 -30.79 4.72 -8.15
N PRO C 62 -31.45 3.92 -7.31
CA PRO C 62 -32.01 4.44 -6.06
C PRO C 62 -30.95 5.02 -5.15
N GLN C 63 -31.40 5.75 -4.15
CA GLN C 63 -30.53 6.43 -3.20
C GLN C 63 -30.68 5.81 -1.81
N ARG C 64 -29.55 5.58 -1.15
CA ARG C 64 -29.53 5.02 0.20
C ARG C 64 -29.64 6.11 1.26
N SER C 67 -31.95 11.20 3.97
CA SER C 67 -30.99 12.24 4.29
C SER C 67 -31.00 13.34 3.22
N LEU C 68 -31.14 12.91 1.96
CA LEU C 68 -31.16 13.81 0.82
C LEU C 68 -32.50 13.74 0.12
N ILE C 69 -32.82 14.80 -0.62
CA ILE C 69 -34.06 14.87 -1.38
C ILE C 69 -33.78 14.37 -2.79
N ALA C 70 -34.56 13.39 -3.23
CA ALA C 70 -34.36 12.74 -4.52
C ALA C 70 -35.43 13.20 -5.50
N ARG C 71 -35.02 13.39 -6.76
CA ARG C 71 -35.95 13.77 -7.82
C ARG C 71 -35.57 13.02 -9.08
N LYS C 72 -36.47 12.16 -9.55
CA LYS C 72 -36.23 11.44 -10.80
C LYS C 72 -36.28 12.41 -11.97
N ILE C 73 -35.22 12.42 -12.77
CA ILE C 73 -35.10 13.34 -13.90
C ILE C 73 -35.08 12.61 -15.23
N GLY C 74 -35.32 11.30 -15.22
CA GLY C 74 -35.31 10.53 -16.45
C GLY C 74 -34.92 9.10 -16.16
N SER C 75 -34.81 8.33 -17.25
CA SER C 75 -34.41 6.93 -17.17
C SER C 75 -33.73 6.55 -18.47
N VAL C 76 -32.86 5.55 -18.40
CA VAL C 76 -32.04 5.14 -19.54
C VAL C 76 -31.93 3.62 -19.53
N LYS C 77 -31.99 3.02 -20.72
CA LYS C 77 -31.72 1.60 -20.91
C LYS C 77 -30.73 1.43 -22.05
N ASP C 78 -29.98 0.33 -21.99
CA ASP C 78 -28.98 0.04 -23.02
C ASP C 78 -29.63 -0.72 -24.16
N ILE C 79 -29.36 -0.30 -25.38
CA ILE C 79 -29.97 -0.85 -26.58
C ILE C 79 -28.89 -1.28 -27.56
N LEU C 80 -29.22 -2.25 -28.41
CA LEU C 80 -28.30 -2.76 -29.42
C LEU C 80 -28.50 -2.00 -30.72
N VAL C 81 -27.40 -1.57 -31.34
CA VAL C 81 -27.46 -0.76 -32.56
C VAL C 81 -26.36 -1.18 -33.52
N ALA C 82 -26.53 -0.75 -34.76
CA ALA C 82 -25.56 -0.98 -35.82
C ALA C 82 -25.80 0.03 -36.94
N SER C 83 -24.77 0.27 -37.73
CA SER C 83 -24.89 1.21 -38.82
C SER C 83 -25.75 0.61 -39.93
N PRO C 84 -26.36 1.45 -40.77
CA PRO C 84 -27.14 0.91 -41.90
C PRO C 84 -26.33 0.03 -42.83
N GLU C 85 -25.03 0.32 -42.99
CA GLU C 85 -24.19 -0.53 -43.82
C GLU C 85 -24.14 -1.94 -43.26
N TYR C 86 -24.03 -2.09 -41.95
CA TYR C 86 -23.98 -3.42 -41.35
C TYR C 86 -25.33 -4.09 -41.33
N VAL C 87 -26.42 -3.32 -41.13
CA VAL C 87 -27.76 -3.88 -41.12
C VAL C 87 -28.11 -4.52 -42.46
N ASN C 88 -27.53 -4.01 -43.56
CA ASN C 88 -27.84 -4.50 -44.90
C ASN C 88 -26.80 -5.49 -45.43
N ALA C 89 -25.63 -5.56 -44.81
CA ALA C 89 -24.59 -6.48 -45.26
C ALA C 89 -24.82 -7.89 -44.76
N HIS C 90 -25.64 -8.09 -43.74
CA HIS C 90 -25.84 -9.38 -43.11
C HIS C 90 -27.30 -9.51 -42.67
N PRO C 91 -27.80 -10.74 -42.56
CA PRO C 91 -29.14 -10.93 -41.95
C PRO C 91 -29.09 -10.56 -40.47
N MET C 92 -29.91 -9.60 -40.07
CA MET C 92 -29.90 -9.18 -38.69
C MET C 92 -30.49 -10.26 -37.79
N PRO C 93 -30.07 -10.31 -36.52
CA PRO C 93 -30.55 -11.37 -35.62
C PRO C 93 -32.05 -11.28 -35.37
N THR C 94 -32.65 -12.44 -35.13
CA THR C 94 -34.03 -12.55 -34.72
C THR C 94 -34.19 -12.98 -33.26
N HIS C 95 -33.14 -13.54 -32.65
CA HIS C 95 -33.07 -13.80 -31.23
C HIS C 95 -31.72 -13.33 -30.72
N ALA C 96 -31.64 -13.11 -29.41
CA ALA C 96 -30.39 -12.62 -28.83
C ALA C 96 -29.26 -13.63 -28.95
N GLU C 97 -29.58 -14.92 -29.09
CA GLU C 97 -28.55 -15.93 -29.27
C GLU C 97 -27.84 -15.82 -30.61
N ASP C 98 -28.50 -15.23 -31.61
CA ASP C 98 -27.88 -15.05 -32.93
C ASP C 98 -26.72 -14.06 -32.90
N LEU C 99 -26.51 -13.37 -31.78
CA LEU C 99 -25.37 -12.46 -31.68
C LEU C 99 -24.04 -13.19 -31.78
N HIS C 100 -24.02 -14.51 -31.55
CA HIS C 100 -22.79 -15.28 -31.68
C HIS C 100 -22.29 -15.31 -33.13
N ASP C 101 -23.16 -15.01 -34.10
CA ASP C 101 -22.81 -15.06 -35.52
C ASP C 101 -22.50 -13.69 -36.09
N HIS C 102 -22.39 -12.66 -35.25
CA HIS C 102 -22.21 -11.30 -35.72
C HIS C 102 -20.95 -10.69 -35.13
N PHE C 103 -20.39 -9.72 -35.86
CA PHE C 103 -19.34 -8.87 -35.31
C PHE C 103 -19.93 -7.99 -34.22
N LEU C 104 -19.34 -8.05 -33.03
CA LEU C 104 -19.79 -7.26 -31.90
C LEU C 104 -18.69 -6.32 -31.46
N LEU C 105 -19.08 -5.12 -31.02
CA LEU C 105 -18.16 -4.11 -30.56
C LEU C 105 -18.54 -3.75 -29.13
N LYS C 106 -17.63 -4.00 -28.19
CA LYS C 106 -17.92 -3.88 -26.76
C LYS C 106 -17.00 -2.88 -26.11
N GLY C 107 -17.56 -2.07 -25.21
CA GLY C 107 -16.77 -1.11 -24.46
C GLY C 107 -17.10 -1.15 -22.99
N HIS C 108 -16.07 -0.93 -22.17
CA HIS C 108 -16.27 -0.87 -20.72
C HIS C 108 -17.25 0.26 -20.39
N PRO C 109 -18.21 0.03 -19.47
CA PRO C 109 -18.40 -1.17 -18.64
C PRO C 109 -19.41 -2.16 -19.20
N LEU C 110 -19.58 -2.16 -20.52
CA LEU C 110 -20.54 -3.06 -21.15
C LEU C 110 -19.83 -4.15 -21.94
N LEU C 111 -18.96 -4.91 -21.28
CA LEU C 111 -18.31 -6.05 -21.93
C LEU C 111 -19.19 -7.30 -21.86
N LYS C 112 -19.94 -7.46 -20.76
CA LYS C 112 -20.93 -8.51 -20.64
C LYS C 112 -22.29 -7.90 -20.96
N TRP C 113 -22.96 -8.46 -21.96
CA TRP C 113 -24.29 -8.01 -22.37
C TRP C 113 -25.32 -8.92 -21.73
N THR C 114 -26.02 -8.41 -20.72
CA THR C 114 -27.12 -9.13 -20.08
C THR C 114 -28.41 -8.56 -20.64
N LEU C 115 -28.90 -9.16 -21.72
CA LEU C 115 -30.01 -8.61 -22.48
C LEU C 115 -31.29 -9.37 -22.16
N ILE C 116 -32.36 -8.63 -21.93
CA ILE C 116 -33.66 -9.20 -21.58
C ILE C 116 -34.71 -8.64 -22.52
N ASN C 117 -35.64 -9.50 -22.94
CA ASN C 117 -36.67 -9.11 -23.88
C ASN C 117 -37.99 -8.88 -23.14
N SER C 118 -39.06 -8.59 -23.90
CA SER C 118 -40.35 -8.27 -23.29
C SER C 118 -40.95 -9.45 -22.54
N LYS C 119 -40.55 -10.67 -22.88
CA LYS C 119 -41.12 -11.84 -22.21
C LYS C 119 -40.40 -12.16 -20.91
N GLY C 120 -39.35 -11.41 -20.57
CA GLY C 120 -38.60 -11.64 -19.36
C GLY C 120 -37.45 -12.61 -19.50
N GLU C 121 -37.19 -13.14 -20.69
CA GLU C 121 -36.07 -14.05 -20.89
C GLU C 121 -34.76 -13.28 -20.96
N THR C 122 -33.76 -13.79 -20.26
CA THR C 122 -32.44 -13.17 -20.19
C THR C 122 -31.45 -13.97 -21.03
N VAL C 123 -30.64 -13.28 -21.83
CA VAL C 123 -29.59 -13.89 -22.62
C VAL C 123 -28.30 -13.14 -22.34
N VAL C 124 -27.30 -13.84 -21.83
CA VAL C 124 -26.01 -13.25 -21.46
C VAL C 124 -25.01 -13.54 -22.57
N ASN C 125 -24.45 -12.49 -23.16
CA ASN C 125 -23.45 -12.63 -24.22
C ASN C 125 -22.09 -12.19 -23.69
N VAL C 126 -21.10 -13.08 -23.80
CA VAL C 126 -19.76 -12.80 -23.30
C VAL C 126 -18.75 -13.05 -24.41
N ASP C 127 -19.19 -12.97 -25.66
CA ASP C 127 -18.28 -13.16 -26.77
C ASP C 127 -17.25 -12.04 -26.81
N ARG C 128 -16.02 -12.40 -27.17
CA ARG C 128 -14.97 -11.40 -27.34
C ARG C 128 -15.26 -10.60 -28.62
N GLY C 129 -15.37 -9.28 -28.47
CA GLY C 129 -15.78 -8.46 -29.59
C GLY C 129 -14.71 -8.31 -30.65
N ARG C 130 -15.16 -8.00 -31.86
CA ARG C 130 -14.23 -7.64 -32.92
C ARG C 130 -13.37 -6.46 -32.53
N PHE C 131 -13.97 -5.47 -31.86
CA PHE C 131 -13.25 -4.33 -31.32
C PHE C 131 -13.70 -4.12 -29.89
N GLN C 132 -12.75 -4.17 -28.95
CA GLN C 132 -13.02 -3.87 -27.55
C GLN C 132 -12.20 -2.66 -27.14
N ALA C 133 -12.79 -1.79 -26.33
CA ALA C 133 -12.17 -0.51 -26.03
C ALA C 133 -12.33 -0.18 -24.56
N ASN C 134 -11.49 0.75 -24.11
CA ASN C 134 -11.54 1.24 -22.74
C ASN C 134 -12.73 2.17 -22.51
N ALA C 135 -13.30 2.75 -23.56
CA ALA C 135 -14.33 3.78 -23.47
C ALA C 135 -15.46 3.47 -24.43
N LEU C 136 -16.56 4.19 -24.26
CA LEU C 136 -17.76 3.96 -25.07
C LEU C 136 -17.81 4.82 -26.33
N ASN C 137 -17.30 6.05 -26.27
CA ASN C 137 -17.28 6.91 -27.45
C ASN C 137 -16.47 6.27 -28.57
N VAL C 138 -15.41 5.56 -28.21
CA VAL C 138 -14.58 4.87 -29.19
C VAL C 138 -15.38 3.77 -29.88
N VAL C 139 -16.21 3.05 -29.13
CA VAL C 139 -16.94 1.92 -29.69
C VAL C 139 -18.06 2.42 -30.61
N ARG C 140 -18.73 3.51 -30.24
CA ARG C 140 -19.76 4.06 -31.11
C ARG C 140 -19.17 4.49 -32.45
N SER C 141 -17.97 5.07 -32.43
CA SER C 141 -17.31 5.47 -33.67
C SER C 141 -17.08 4.28 -34.59
N ALA C 142 -16.65 3.14 -34.03
CA ALA C 142 -16.50 1.94 -34.84
C ALA C 142 -17.85 1.40 -35.30
N CYS C 143 -18.88 1.55 -34.46
CA CYS C 143 -20.21 1.08 -34.86
C CYS C 143 -20.78 1.92 -36.01
N SER C 144 -20.54 3.23 -35.98
CA SER C 144 -21.08 4.09 -37.03
C SER C 144 -20.41 3.80 -38.36
N GLU C 145 -19.16 3.37 -38.35
CA GLU C 145 -18.48 3.01 -39.59
C GLU C 145 -18.93 1.65 -40.12
N GLY C 146 -19.75 0.91 -39.38
CA GLY C 146 -20.32 -0.32 -39.89
C GLY C 146 -19.54 -1.58 -39.60
N LEU C 147 -18.82 -1.63 -38.48
CA LEU C 147 -17.98 -2.78 -38.18
C LEU C 147 -18.66 -3.82 -37.29
N GLY C 148 -19.91 -3.59 -36.88
CA GLY C 148 -20.65 -4.58 -36.13
C GLY C 148 -21.69 -3.95 -35.23
N ILE C 149 -22.20 -4.77 -34.31
CA ILE C 149 -23.26 -4.40 -33.38
C ILE C 149 -22.64 -4.04 -32.04
N THR C 150 -23.19 -3.01 -31.39
CA THR C 150 -22.76 -2.60 -30.06
C THR C 150 -23.98 -2.40 -29.16
N LEU C 151 -23.73 -2.47 -27.86
CA LEU C 151 -24.73 -2.16 -26.86
C LEU C 151 -24.36 -0.84 -26.20
N MET C 152 -25.30 0.10 -26.17
CA MET C 152 -25.01 1.48 -25.84
C MET C 152 -26.21 2.08 -25.11
N PRO C 153 -25.99 2.88 -24.07
CA PRO C 153 -27.13 3.53 -23.42
C PRO C 153 -27.86 4.45 -24.40
N ASP C 154 -29.18 4.23 -24.52
CA ASP C 154 -29.96 4.85 -25.59
C ASP C 154 -29.84 6.37 -25.58
N VAL C 155 -29.75 6.99 -24.40
CA VAL C 155 -29.68 8.44 -24.34
C VAL C 155 -28.38 8.97 -24.91
N MET C 156 -27.34 8.13 -24.98
CA MET C 156 -26.06 8.57 -25.54
C MET C 156 -26.08 8.65 -27.06
N ILE C 157 -26.99 7.95 -27.73
CA ILE C 157 -26.95 7.84 -29.18
C ILE C 157 -28.31 8.13 -29.81
N LYS C 158 -29.15 8.88 -29.11
CA LYS C 158 -30.48 9.17 -29.64
C LYS C 158 -30.40 10.08 -30.87
N GLU C 159 -29.38 10.93 -30.95
CA GLU C 159 -29.20 11.75 -32.15
C GLU C 159 -28.88 10.87 -33.35
N TYR C 160 -28.03 9.87 -33.16
CA TYR C 160 -27.71 8.95 -34.25
C TYR C 160 -28.90 8.06 -34.62
N ILE C 161 -29.80 7.82 -33.68
CA ILE C 161 -31.02 7.09 -34.00
C ILE C 161 -31.95 7.97 -34.84
N ALA C 162 -32.03 9.26 -34.51
CA ALA C 162 -32.98 10.14 -35.18
C ALA C 162 -32.62 10.34 -36.64
N ASP C 163 -31.33 10.50 -36.95
CA ASP C 163 -30.91 10.74 -38.33
C ASP C 163 -30.66 9.47 -39.11
N GLY C 164 -30.75 8.30 -38.47
CA GLY C 164 -30.61 7.03 -39.15
C GLY C 164 -29.21 6.49 -39.25
N SER C 165 -28.19 7.27 -38.85
CA SER C 165 -26.82 6.80 -38.93
C SER C 165 -26.57 5.60 -38.01
N LEU C 166 -27.44 5.36 -37.04
CA LEU C 166 -27.42 4.17 -36.21
C LEU C 166 -28.81 3.58 -36.16
N VAL C 167 -28.90 2.25 -36.21
CA VAL C 167 -30.18 1.55 -36.32
C VAL C 167 -30.30 0.58 -35.16
N ARG C 168 -31.44 0.62 -34.48
CA ARG C 168 -31.72 -0.32 -33.40
C ARG C 168 -31.98 -1.72 -33.95
N ILE C 169 -31.26 -2.71 -33.43
CA ILE C 169 -31.47 -4.10 -33.79
C ILE C 169 -31.95 -4.84 -32.56
N LEU C 170 -32.63 -5.98 -32.79
CA LEU C 170 -33.32 -6.71 -31.74
C LEU C 170 -34.16 -5.73 -30.92
N PRO C 171 -35.21 -5.14 -31.52
CA PRO C 171 -35.89 -4.03 -30.84
C PRO C 171 -36.65 -4.44 -29.59
N ASP C 172 -36.89 -5.73 -29.39
CA ASP C 172 -37.58 -6.17 -28.18
C ASP C 172 -36.63 -6.45 -27.03
N TRP C 173 -35.32 -6.37 -27.26
CA TRP C 173 -34.32 -6.63 -26.25
C TRP C 173 -33.68 -5.33 -25.76
N SER C 174 -33.30 -5.31 -24.50
CA SER C 174 -32.58 -4.19 -23.92
C SER C 174 -31.84 -4.71 -22.69
N ALA C 175 -31.04 -3.82 -22.08
CA ALA C 175 -30.20 -4.20 -20.95
C ALA C 175 -30.16 -3.07 -19.94
N ASN C 176 -30.18 -3.44 -18.67
CA ASN C 176 -29.98 -2.57 -17.51
C ASN C 176 -30.85 -1.32 -17.52
N PRO C 177 -32.18 -1.45 -17.43
CA PRO C 177 -33.01 -0.26 -17.27
C PRO C 177 -32.80 0.35 -15.90
N ARG C 178 -32.71 1.68 -15.86
CA ARG C 178 -32.37 2.36 -14.62
C ARG C 178 -32.87 3.80 -14.68
N ASP C 179 -33.15 4.35 -13.50
CA ASP C 179 -33.58 5.74 -13.38
C ASP C 179 -32.41 6.59 -12.90
N ILE C 180 -32.47 7.88 -13.23
CA ILE C 180 -31.47 8.85 -12.83
C ILE C 180 -32.14 9.87 -11.92
N TYR C 181 -31.50 10.16 -10.80
CA TYR C 181 -32.08 11.03 -9.78
C TYR C 181 -31.18 12.25 -9.56
N MET C 182 -31.81 13.37 -9.26
CA MET C 182 -31.12 14.58 -8.85
C MET C 182 -31.19 14.67 -7.32
N LEU C 183 -30.02 14.72 -6.68
CA LEU C 183 -29.91 14.72 -5.23
C LEU C 183 -29.54 16.12 -4.74
N TYR C 184 -30.10 16.52 -3.60
CA TYR C 184 -29.66 17.77 -2.98
C TYR C 184 -30.08 17.77 -1.52
N ASN C 185 -29.28 18.45 -0.70
CA ASN C 185 -29.53 18.59 0.72
C ASN C 185 -30.46 19.78 0.96
N HIS C 186 -31.53 19.56 1.72
CA HIS C 186 -32.47 20.62 2.05
C HIS C 186 -32.75 20.63 3.55
N LYS C 187 -31.69 20.62 4.35
CA LYS C 187 -31.80 20.70 5.81
C LYS C 187 -31.78 22.14 6.32
N ASP C 188 -31.69 23.12 5.42
CA ASP C 188 -31.75 24.53 5.79
C ASP C 188 -32.20 25.32 4.57
N HIS C 189 -32.27 26.63 4.71
CA HIS C 189 -32.70 27.49 3.60
C HIS C 189 -31.74 27.34 2.43
N LEU C 190 -32.25 26.85 1.32
CA LEU C 190 -31.41 26.66 0.14
C LEU C 190 -30.94 28.01 -0.39
N PRO C 191 -29.67 28.16 -0.74
CA PRO C 191 -29.23 29.41 -1.37
C PRO C 191 -29.94 29.62 -2.69
N GLU C 192 -30.10 30.89 -3.06
CA GLU C 192 -30.87 31.23 -4.25
C GLU C 192 -30.31 30.55 -5.48
N LYS C 193 -28.98 30.48 -5.60
CA LYS C 193 -28.37 29.82 -6.76
C LYS C 193 -28.84 28.38 -6.90
N VAL C 194 -29.09 27.69 -5.78
CA VAL C 194 -29.47 26.28 -5.85
C VAL C 194 -30.96 26.14 -6.10
N ARG C 195 -31.78 26.99 -5.49
CA ARG C 195 -33.21 27.00 -5.78
C ARG C 195 -33.46 27.18 -7.28
N LEU C 196 -32.78 28.17 -7.88
CA LEU C 196 -32.94 28.42 -9.30
C LEU C 196 -32.50 27.24 -10.14
N PHE C 197 -31.42 26.58 -9.73
CA PHE C 197 -30.96 25.39 -10.45
C PHE C 197 -31.97 24.27 -10.36
N ILE C 198 -32.44 23.96 -9.14
CA ILE C 198 -33.45 22.93 -8.98
C ILE C 198 -34.69 23.27 -9.80
N ASP C 199 -35.18 24.49 -9.64
CA ASP C 199 -36.34 24.93 -10.43
C ASP C 199 -36.09 24.81 -11.92
N TYR C 200 -34.89 25.21 -12.37
CA TYR C 200 -34.59 25.14 -13.80
C TYR C 200 -34.65 23.70 -14.31
N VAL C 201 -34.15 22.75 -13.51
CA VAL C 201 -34.12 21.35 -13.94
C VAL C 201 -35.54 20.80 -14.04
N ILE C 202 -36.40 21.09 -13.06
CA ILE C 202 -37.75 20.53 -13.03
C ILE C 202 -38.53 20.97 -14.27
N ALA C 203 -38.32 22.19 -14.73
CA ALA C 203 -39.06 22.75 -15.85
C ALA C 203 -38.39 22.50 -17.20
N TYR C 204 -37.47 21.55 -17.27
CA TYR C 204 -36.78 21.27 -18.53
C TYR C 204 -37.50 20.21 -19.34
N SER D 6 23.59 -24.18 33.84
CA SER D 6 24.51 -23.14 33.36
C SER D 6 24.34 -22.94 31.86
N GLY D 7 24.69 -21.73 31.39
CA GLY D 7 24.62 -21.41 29.98
C GLY D 7 23.73 -20.19 29.73
N LYS D 8 23.02 -20.21 28.60
CA LYS D 8 22.23 -19.08 28.16
C LYS D 8 20.76 -19.28 28.49
N ILE D 9 20.13 -18.23 29.03
CA ILE D 9 18.69 -18.19 29.27
C ILE D 9 18.14 -17.02 28.46
N LYS D 10 17.20 -17.31 27.57
CA LYS D 10 16.68 -16.32 26.62
C LYS D 10 15.28 -15.90 27.06
N ILE D 11 15.13 -14.63 27.45
CA ILE D 11 13.86 -14.13 27.98
C ILE D 11 13.45 -12.87 27.23
N SER D 12 12.14 -12.62 27.26
CA SER D 12 11.57 -11.44 26.63
C SER D 12 10.63 -10.76 27.63
N THR D 13 10.73 -9.44 27.74
CA THR D 13 9.99 -8.66 28.72
C THR D 13 9.31 -7.46 28.05
N PRO D 14 8.27 -6.92 28.67
CA PRO D 14 7.58 -5.77 28.07
C PRO D 14 8.40 -4.49 28.14
N TYR D 15 8.06 -3.56 27.23
CA TYR D 15 8.90 -2.42 26.88
C TYR D 15 9.28 -1.52 28.05
N ASN D 16 8.31 -0.78 28.60
CA ASN D 16 8.64 0.26 29.57
C ASN D 16 8.69 -0.23 31.01
N LEU D 17 8.22 -1.44 31.28
CA LEU D 17 8.13 -1.95 32.64
C LEU D 17 9.33 -2.80 33.04
N THR D 18 10.31 -2.98 32.16
CA THR D 18 11.38 -3.92 32.46
C THR D 18 12.31 -3.37 33.53
N LYS D 19 12.66 -2.08 33.47
CA LYS D 19 13.72 -1.58 34.33
C LYS D 19 13.33 -1.58 35.80
N ARG D 20 12.10 -1.20 36.13
CA ARG D 20 11.72 -1.06 37.52
C ARG D 20 10.78 -2.14 38.03
N MET D 21 10.25 -2.99 37.16
CA MET D 21 9.46 -4.13 37.60
C MET D 21 10.20 -5.46 37.49
N MET D 22 10.94 -5.68 36.40
CA MET D 22 11.64 -6.94 36.19
C MET D 22 13.06 -6.93 36.73
N MET D 23 13.80 -5.83 36.54
CA MET D 23 15.23 -5.83 36.82
C MET D 23 15.59 -6.14 38.26
N PRO D 24 14.90 -5.62 39.28
CA PRO D 24 15.25 -6.04 40.66
C PRO D 24 15.26 -7.54 40.84
N MET D 25 14.22 -8.22 40.37
CA MET D 25 14.20 -9.68 40.44
C MET D 25 15.30 -10.30 39.57
N LEU D 26 15.45 -9.80 38.34
CA LEU D 26 16.49 -10.33 37.46
C LEU D 26 17.88 -10.07 38.00
N ASN D 27 18.08 -8.93 38.67
CA ASN D 27 19.39 -8.66 39.26
C ASN D 27 19.66 -9.62 40.41
N GLY D 28 18.64 -9.91 41.21
CA GLY D 28 18.80 -10.85 42.31
C GLY D 28 19.03 -12.27 41.82
N PHE D 29 18.42 -12.63 40.69
CA PHE D 29 18.64 -13.96 40.14
C PHE D 29 20.08 -14.13 39.68
N MET D 30 20.58 -13.18 38.88
CA MET D 30 21.95 -13.28 38.39
C MET D 30 22.95 -13.25 39.53
N SER D 31 22.64 -12.51 40.59
CA SER D 31 23.52 -12.49 41.74
C SER D 31 23.58 -13.86 42.42
N GLN D 32 22.47 -14.62 42.36
CA GLN D 32 22.45 -15.94 42.96
C GLN D 32 23.13 -16.99 42.07
N TYR D 33 23.05 -16.84 40.75
CA TYR D 33 23.61 -17.81 39.80
C TYR D 33 24.54 -17.12 38.81
N PRO D 34 25.77 -16.79 39.23
CA PRO D 34 26.71 -16.14 38.29
C PRO D 34 27.10 -17.01 37.10
N GLU D 35 26.74 -18.28 37.11
CA GLU D 35 27.05 -19.24 36.05
C GLU D 35 26.03 -19.23 34.92
N ILE D 36 24.90 -18.55 35.10
CA ILE D 36 23.82 -18.51 34.11
C ILE D 36 23.84 -17.13 33.46
N ASN D 37 23.97 -17.10 32.13
CA ASN D 37 23.91 -15.86 31.37
C ASN D 37 22.48 -15.63 30.89
N ILE D 38 22.05 -14.38 30.91
CA ILE D 38 20.70 -14.00 30.54
C ILE D 38 20.76 -13.15 29.29
N GLU D 39 20.02 -13.55 28.26
CA GLU D 39 19.82 -12.76 27.06
C GLU D 39 18.42 -12.15 27.13
N LEU D 40 18.36 -10.84 27.31
CA LEU D 40 17.10 -10.12 27.53
C LEU D 40 16.76 -9.28 26.30
N THR D 41 15.51 -9.38 25.85
CA THR D 41 14.99 -8.57 24.77
C THR D 41 13.68 -7.94 25.21
N THR D 42 13.66 -6.61 25.31
CA THR D 42 12.42 -5.91 25.61
C THR D 42 11.52 -5.90 24.38
N GLU D 43 10.28 -6.35 24.53
CA GLU D 43 9.37 -6.50 23.41
C GLU D 43 8.23 -5.49 23.51
N SER D 44 7.85 -4.94 22.35
CA SER D 44 6.73 -4.01 22.31
C SER D 44 5.40 -4.74 22.36
N ASN D 45 5.34 -5.96 21.82
CA ASN D 45 4.14 -6.78 21.89
C ASN D 45 4.55 -8.22 21.63
N ALA D 46 4.18 -9.10 22.54
CA ALA D 46 4.55 -10.50 22.51
C ALA D 46 3.53 -11.37 21.77
N ASP D 47 2.54 -10.75 21.12
CA ASP D 47 1.52 -11.53 20.42
C ASP D 47 2.09 -12.28 19.23
N GLN D 48 3.19 -11.82 18.64
CA GLN D 48 3.75 -12.44 17.45
C GLN D 48 5.03 -13.23 17.73
N LEU D 49 5.44 -13.36 19.00
CA LEU D 49 6.58 -14.20 19.32
C LEU D 49 6.27 -15.67 19.07
N ASP D 50 7.27 -16.41 18.62
CA ASP D 50 7.18 -17.87 18.53
C ASP D 50 7.72 -18.44 19.84
N PRO D 51 6.88 -19.07 20.68
CA PRO D 51 7.35 -19.51 22.00
C PRO D 51 8.52 -20.47 21.97
N THR D 52 8.67 -21.27 20.90
CA THR D 52 9.82 -22.18 20.83
C THR D 52 11.14 -21.45 20.76
N GLU D 53 11.14 -20.19 20.30
CA GLU D 53 12.35 -19.39 20.23
C GLU D 53 12.73 -18.74 21.56
N TRP D 54 12.05 -19.06 22.65
CA TRP D 54 12.25 -18.38 23.91
C TRP D 54 12.13 -19.37 25.06
N ASP D 55 12.88 -19.09 26.13
CA ASP D 55 12.80 -19.87 27.35
C ASP D 55 11.69 -19.36 28.26
N VAL D 56 11.61 -18.05 28.46
CA VAL D 56 10.59 -17.41 29.29
C VAL D 56 10.14 -16.14 28.60
N ILE D 57 8.83 -15.91 28.61
CA ILE D 57 8.24 -14.70 28.04
C ILE D 57 7.48 -13.99 29.16
N PHE D 58 7.85 -12.75 29.43
CA PHE D 58 7.06 -11.87 30.29
C PHE D 58 6.29 -10.92 29.41
N ARG D 59 4.97 -10.89 29.58
CA ARG D 59 4.13 -10.12 28.68
C ARG D 59 3.00 -9.47 29.46
N VAL D 60 2.49 -8.38 28.89
CA VAL D 60 1.33 -7.69 29.44
C VAL D 60 0.07 -8.30 28.86
N GLY D 61 -0.94 -8.48 29.69
CA GLY D 61 -2.18 -9.08 29.25
C GLY D 61 -2.05 -10.59 29.14
N PRO D 62 -3.18 -11.27 29.09
CA PRO D 62 -3.16 -12.73 29.01
C PRO D 62 -3.07 -13.24 27.58
N GLN D 63 -2.66 -14.49 27.47
CA GLN D 63 -2.66 -15.25 26.22
C GLN D 63 -3.53 -16.49 26.40
N ARG D 64 -3.55 -17.34 25.37
CA ARG D 64 -4.37 -18.56 25.42
C ARG D 64 -3.69 -19.75 24.77
N ASP D 65 -2.37 -19.73 24.63
CA ASP D 65 -1.65 -20.86 24.05
C ASP D 65 -1.65 -22.03 25.03
N SER D 66 -2.28 -23.13 24.65
CA SER D 66 -2.39 -24.31 25.50
C SER D 66 -1.09 -25.09 25.61
N SER D 67 -0.04 -24.68 24.91
CA SER D 67 1.26 -25.33 25.03
C SER D 67 2.16 -24.67 26.06
N LEU D 68 1.69 -23.61 26.72
CA LEU D 68 2.49 -22.83 27.64
C LEU D 68 1.90 -22.90 29.04
N ILE D 69 2.76 -22.65 30.03
CA ILE D 69 2.35 -22.43 31.41
C ILE D 69 2.34 -20.93 31.63
N ALA D 70 1.22 -20.41 32.14
CA ALA D 70 1.03 -18.97 32.31
C ALA D 70 0.75 -18.68 33.78
N ARG D 71 1.54 -17.77 34.36
CA ARG D 71 1.38 -17.39 35.76
C ARG D 71 1.26 -15.88 35.86
N LYS D 72 0.20 -15.42 36.52
CA LYS D 72 0.05 -13.99 36.80
C LYS D 72 1.02 -13.60 37.90
N ILE D 73 1.95 -12.70 37.57
CA ILE D 73 3.00 -12.29 38.50
C ILE D 73 2.85 -10.85 38.95
N GLY D 74 1.90 -10.11 38.43
CA GLY D 74 1.71 -8.74 38.85
C GLY D 74 0.68 -8.04 38.00
N SER D 75 0.48 -6.76 38.31
CA SER D 75 -0.45 -5.93 37.57
C SER D 75 0.06 -4.50 37.61
N VAL D 76 -0.30 -3.74 36.59
CA VAL D 76 0.09 -2.35 36.48
C VAL D 76 -1.08 -1.54 35.95
N LYS D 77 -1.12 -0.27 36.32
CA LYS D 77 -2.10 0.68 35.82
C LYS D 77 -1.40 2.00 35.58
N ASP D 78 -1.98 2.82 34.71
CA ASP D 78 -1.45 4.14 34.40
C ASP D 78 -2.10 5.18 35.30
N ILE D 79 -1.27 6.05 35.87
CA ILE D 79 -1.71 7.07 36.83
C ILE D 79 -1.13 8.42 36.43
N LEU D 80 -1.77 9.48 36.93
CA LEU D 80 -1.36 10.85 36.64
C LEU D 80 -0.45 11.36 37.74
N VAL D 81 0.61 12.07 37.33
CA VAL D 81 1.59 12.61 38.27
C VAL D 81 2.05 13.98 37.83
N ALA D 82 2.50 14.77 38.81
CA ALA D 82 3.11 16.07 38.57
C ALA D 82 4.16 16.32 39.65
N SER D 83 5.06 17.26 39.37
CA SER D 83 6.07 17.60 40.35
C SER D 83 5.46 18.48 41.45
N PRO D 84 6.00 18.42 42.67
CA PRO D 84 5.56 19.34 43.73
C PRO D 84 5.62 20.79 43.33
N GLU D 85 6.68 21.20 42.61
CA GLU D 85 6.77 22.58 42.14
C GLU D 85 5.56 22.95 41.29
N TYR D 86 5.12 22.03 40.43
CA TYR D 86 3.94 22.30 39.62
C TYR D 86 2.67 22.29 40.46
N VAL D 87 2.59 21.39 41.45
CA VAL D 87 1.41 21.32 42.30
C VAL D 87 1.25 22.61 43.09
N ASN D 88 2.36 23.17 43.56
CA ASN D 88 2.31 24.41 44.35
C ASN D 88 2.05 25.64 43.50
N ALA D 89 2.14 25.54 42.18
CA ALA D 89 2.00 26.70 41.31
C ALA D 89 0.63 26.84 40.70
N HIS D 90 -0.24 25.83 40.81
CA HIS D 90 -1.55 25.87 40.19
C HIS D 90 -2.53 25.12 41.07
N PRO D 91 -3.82 25.47 41.04
CA PRO D 91 -4.83 24.66 41.73
C PRO D 91 -4.99 23.32 41.03
N MET D 92 -4.70 22.25 41.75
CA MET D 92 -4.67 20.93 41.14
C MET D 92 -6.08 20.46 40.80
N PRO D 93 -6.22 19.63 39.77
CA PRO D 93 -7.56 19.18 39.35
C PRO D 93 -8.24 18.33 40.42
N THR D 94 -9.54 18.57 40.60
CA THR D 94 -10.36 17.76 41.49
C THR D 94 -11.22 16.75 40.74
N HIS D 95 -11.46 16.96 39.45
CA HIS D 95 -12.13 15.97 38.61
C HIS D 95 -11.35 15.84 37.32
N ALA D 96 -11.60 14.73 36.60
CA ALA D 96 -10.87 14.46 35.37
C ALA D 96 -11.06 15.54 34.33
N GLU D 97 -12.19 16.26 34.35
CA GLU D 97 -12.42 17.30 33.36
C GLU D 97 -11.52 18.50 33.55
N ASP D 98 -10.95 18.69 34.74
CA ASP D 98 -10.09 19.83 34.98
C ASP D 98 -8.76 19.76 34.25
N LEU D 99 -8.44 18.64 33.60
CA LEU D 99 -7.16 18.49 32.92
C LEU D 99 -7.01 19.44 31.73
N HIS D 100 -8.08 20.07 31.27
CA HIS D 100 -7.97 21.04 30.19
C HIS D 100 -7.39 22.38 30.66
N ASP D 101 -7.33 22.61 31.96
CA ASP D 101 -6.80 23.84 32.52
C ASP D 101 -5.33 23.73 32.90
N HIS D 102 -4.67 22.62 32.54
CA HIS D 102 -3.31 22.36 32.97
C HIS D 102 -2.44 21.99 31.78
N PHE D 103 -1.15 22.28 31.90
CA PHE D 103 -0.19 21.79 30.92
C PHE D 103 -0.07 20.28 31.04
N LEU D 104 -0.30 19.58 29.93
CA LEU D 104 -0.23 18.13 29.91
C LEU D 104 1.02 17.68 29.17
N LEU D 105 1.62 16.58 29.63
CA LEU D 105 2.80 16.00 29.01
C LEU D 105 2.46 14.58 28.61
N LYS D 106 2.44 14.30 27.32
CA LYS D 106 1.94 13.04 26.80
C LYS D 106 3.04 12.32 26.04
N GLY D 107 3.27 11.07 26.38
CA GLY D 107 4.27 10.24 25.72
C GLY D 107 3.70 8.91 25.28
N HIS D 108 4.16 8.46 24.11
CA HIS D 108 3.69 7.20 23.57
C HIS D 108 4.05 6.04 24.51
N PRO D 109 3.19 5.01 24.60
CA PRO D 109 1.95 4.85 23.84
C PRO D 109 0.73 5.46 24.54
N LEU D 110 0.92 6.50 25.35
CA LEU D 110 -0.17 7.09 26.10
C LEU D 110 -0.45 8.52 25.65
N LEU D 111 -0.80 8.69 24.37
CA LEU D 111 -1.23 10.00 23.89
C LEU D 111 -2.69 10.25 24.21
N LYS D 112 -3.55 9.26 23.99
CA LYS D 112 -4.96 9.35 24.36
C LYS D 112 -5.13 8.83 25.77
N TRP D 113 -5.70 9.66 26.65
CA TRP D 113 -5.91 9.30 28.05
C TRP D 113 -7.36 8.86 28.20
N THR D 114 -7.56 7.58 28.49
CA THR D 114 -8.89 7.01 28.73
C THR D 114 -8.96 6.64 30.21
N LEU D 115 -9.36 7.61 31.02
CA LEU D 115 -9.34 7.46 32.47
C LEU D 115 -10.68 6.93 32.96
N ILE D 116 -10.61 5.99 33.90
CA ILE D 116 -11.78 5.46 34.58
C ILE D 116 -11.56 5.61 36.08
N ASN D 117 -12.64 5.89 36.80
CA ASN D 117 -12.59 6.10 38.24
C ASN D 117 -13.17 4.89 38.96
N SER D 118 -13.21 4.97 40.30
CA SER D 118 -13.75 3.88 41.09
C SER D 118 -15.24 3.68 40.85
N LYS D 119 -15.96 4.75 40.50
CA LYS D 119 -17.39 4.68 40.23
C LYS D 119 -17.72 4.10 38.86
N GLY D 120 -16.72 3.65 38.10
CA GLY D 120 -16.95 3.18 36.76
C GLY D 120 -17.20 4.27 35.73
N GLU D 121 -16.91 5.52 36.06
CA GLU D 121 -17.11 6.64 35.15
C GLU D 121 -15.86 6.83 34.29
N THR D 122 -16.08 7.24 33.04
CA THR D 122 -15.01 7.31 32.04
C THR D 122 -14.88 8.72 31.50
N VAL D 123 -13.65 9.23 31.44
CA VAL D 123 -13.33 10.52 30.84
C VAL D 123 -12.16 10.32 29.90
N VAL D 124 -12.27 10.84 28.68
CA VAL D 124 -11.24 10.71 27.66
C VAL D 124 -10.67 12.09 27.37
N ASN D 125 -9.35 12.23 27.52
CA ASN D 125 -8.65 13.48 27.25
C ASN D 125 -7.81 13.30 26.00
N VAL D 126 -8.12 14.10 24.97
CA VAL D 126 -7.42 14.03 23.69
C VAL D 126 -6.65 15.32 23.41
N ASP D 127 -6.45 16.15 24.43
CA ASP D 127 -5.81 17.45 24.23
C ASP D 127 -4.34 17.29 23.89
N ARG D 128 -3.84 18.17 23.02
CA ARG D 128 -2.42 18.18 22.69
C ARG D 128 -1.61 18.68 23.88
N GLY D 129 -0.51 17.98 24.18
CA GLY D 129 0.29 18.31 25.33
C GLY D 129 1.30 19.42 25.06
N ARG D 130 1.73 20.07 26.15
CA ARG D 130 2.83 21.02 26.05
C ARG D 130 4.10 20.35 25.57
N PHE D 131 4.28 19.06 25.88
CA PHE D 131 5.42 18.28 25.45
C PHE D 131 4.94 16.90 25.04
N GLN D 132 5.32 16.47 23.83
CA GLN D 132 4.96 15.14 23.34
C GLN D 132 6.19 14.45 22.78
N ALA D 133 6.37 13.18 23.13
CA ALA D 133 7.50 12.40 22.68
C ALA D 133 7.11 10.94 22.58
N ASN D 134 7.81 10.21 21.71
CA ASN D 134 7.57 8.78 21.56
C ASN D 134 8.17 7.95 22.69
N ALA D 135 8.92 8.58 23.59
CA ALA D 135 9.58 7.90 24.70
C ALA D 135 8.99 8.36 26.03
N LEU D 136 8.75 7.41 26.92
CA LEU D 136 8.14 7.73 28.20
C LEU D 136 9.15 8.27 29.21
N ASN D 137 10.41 7.86 29.10
CA ASN D 137 11.40 8.28 30.09
C ASN D 137 11.67 9.79 30.02
N VAL D 138 11.82 10.33 28.80
CA VAL D 138 12.04 11.76 28.67
C VAL D 138 10.78 12.55 29.00
N VAL D 139 9.61 11.93 28.90
CA VAL D 139 8.38 12.58 29.35
C VAL D 139 8.41 12.72 30.87
N ARG D 140 8.89 11.70 31.58
CA ARG D 140 9.05 11.80 33.03
C ARG D 140 10.02 12.92 33.40
N SER D 141 11.08 13.09 32.60
CA SER D 141 12.04 14.17 32.84
C SER D 141 11.35 15.54 32.82
N ALA D 142 10.52 15.78 31.79
CA ALA D 142 9.77 17.03 31.73
C ALA D 142 8.79 17.15 32.89
N CYS D 143 8.26 16.01 33.36
CA CYS D 143 7.33 16.04 34.48
C CYS D 143 8.03 16.40 35.78
N SER D 144 9.26 15.91 35.97
CA SER D 144 10.01 16.21 37.19
C SER D 144 10.46 17.66 37.23
N GLU D 145 10.65 18.29 36.08
CA GLU D 145 10.99 19.71 36.01
C GLU D 145 9.77 20.62 36.18
N GLY D 146 8.64 20.08 36.62
CA GLY D 146 7.47 20.90 36.90
C GLY D 146 6.81 21.51 35.69
N LEU D 147 6.76 20.80 34.57
CA LEU D 147 6.20 21.33 33.34
C LEU D 147 4.75 20.91 33.11
N GLY D 148 4.20 20.03 33.93
CA GLY D 148 2.80 19.69 33.82
C GLY D 148 2.53 18.28 34.30
N ILE D 149 1.34 17.79 33.95
CA ILE D 149 0.82 16.50 34.37
C ILE D 149 1.08 15.49 33.27
N THR D 150 1.40 14.26 33.64
CA THR D 150 1.58 13.19 32.67
C THR D 150 0.94 11.91 33.17
N LEU D 151 0.57 11.05 32.22
CA LEU D 151 0.00 9.74 32.51
C LEU D 151 1.09 8.70 32.32
N MET D 152 1.36 7.92 33.37
CA MET D 152 2.51 7.05 33.39
C MET D 152 2.18 5.74 34.07
N PRO D 153 2.70 4.61 33.58
CA PRO D 153 2.53 3.35 34.30
C PRO D 153 3.09 3.46 35.71
N ASP D 154 2.25 3.11 36.69
CA ASP D 154 2.59 3.40 38.08
C ASP D 154 3.87 2.71 38.51
N VAL D 155 4.15 1.52 37.98
CA VAL D 155 5.33 0.77 38.40
C VAL D 155 6.61 1.51 38.03
N MET D 156 6.55 2.43 37.07
CA MET D 156 7.72 3.19 36.67
C MET D 156 8.03 4.34 37.61
N ILE D 157 7.04 4.85 38.35
CA ILE D 157 7.20 6.10 39.06
C ILE D 157 6.82 6.01 40.53
N LYS D 158 6.32 4.87 41.02
CA LYS D 158 5.85 4.82 42.38
C LYS D 158 6.98 5.04 43.40
N GLU D 159 8.22 4.77 43.02
CA GLU D 159 9.35 5.15 43.87
C GLU D 159 9.47 6.66 43.97
N TYR D 160 9.08 7.40 42.92
CA TYR D 160 9.12 8.86 42.98
C TYR D 160 8.01 9.42 43.86
N ILE D 161 6.84 8.79 43.84
CA ILE D 161 5.73 9.28 44.66
C ILE D 161 5.97 8.99 46.12
N ALA D 162 6.69 7.90 46.42
CA ALA D 162 6.98 7.58 47.81
C ALA D 162 7.91 8.61 48.44
N ASP D 163 8.97 9.02 47.73
CA ASP D 163 9.92 9.98 48.27
C ASP D 163 9.51 11.42 48.03
N GLY D 164 8.31 11.66 47.49
CA GLY D 164 7.78 13.01 47.32
C GLY D 164 8.24 13.75 46.08
N SER D 165 9.14 13.19 45.27
CA SER D 165 9.60 13.92 44.10
C SER D 165 8.53 14.04 43.03
N LEU D 166 7.52 13.17 43.07
CA LEU D 166 6.35 13.28 42.22
C LEU D 166 5.10 13.11 43.08
N VAL D 167 4.01 13.74 42.66
CA VAL D 167 2.74 13.71 43.39
C VAL D 167 1.70 13.05 42.50
N ARG D 168 0.97 12.09 43.05
CA ARG D 168 -0.10 11.44 42.31
C ARG D 168 -1.22 12.44 42.07
N ILE D 169 -1.66 12.53 40.81
CA ILE D 169 -2.69 13.48 40.40
C ILE D 169 -4.00 12.72 40.21
N LEU D 170 -5.09 13.25 40.79
CA LEU D 170 -6.41 12.66 40.74
C LEU D 170 -6.35 11.21 41.21
N PRO D 171 -6.25 10.99 42.53
CA PRO D 171 -6.02 9.63 43.04
C PRO D 171 -7.12 8.65 42.69
N ASP D 172 -8.34 9.11 42.43
CA ASP D 172 -9.46 8.22 42.15
C ASP D 172 -9.54 7.81 40.69
N TRP D 173 -8.56 8.17 39.86
CA TRP D 173 -8.62 7.90 38.43
C TRP D 173 -7.43 7.08 37.97
N SER D 174 -7.71 6.08 37.13
CA SER D 174 -6.69 5.19 36.59
C SER D 174 -6.92 5.03 35.09
N ALA D 175 -5.98 4.37 34.42
CA ALA D 175 -6.08 4.11 32.99
C ALA D 175 -5.47 2.75 32.68
N ASN D 176 -6.16 2.00 31.81
CA ASN D 176 -5.72 0.71 31.28
C ASN D 176 -5.16 -0.22 32.34
N PRO D 177 -5.99 -0.74 33.25
CA PRO D 177 -5.50 -1.75 34.19
C PRO D 177 -5.18 -3.04 33.45
N ARG D 178 -4.00 -3.59 33.73
CA ARG D 178 -3.55 -4.77 33.01
C ARG D 178 -2.69 -5.64 33.92
N ASP D 179 -2.72 -6.94 33.65
CA ASP D 179 -1.93 -7.92 34.38
C ASP D 179 -0.67 -8.29 33.60
N ILE D 180 0.34 -8.76 34.31
CA ILE D 180 1.61 -9.16 33.73
C ILE D 180 1.81 -10.65 33.98
N TYR D 181 2.16 -11.38 32.93
CA TYR D 181 2.21 -12.84 32.95
C TYR D 181 3.61 -13.33 32.61
N MET D 182 3.98 -14.45 33.20
CA MET D 182 5.19 -15.18 32.85
C MET D 182 4.81 -16.47 32.13
N LEU D 183 5.42 -16.70 30.97
CA LEU D 183 5.11 -17.86 30.14
C LEU D 183 6.38 -18.68 29.90
N TYR D 184 6.22 -20.01 29.88
CA TYR D 184 7.30 -20.92 29.51
C TYR D 184 6.68 -22.18 28.93
N ASN D 185 7.40 -22.80 27.99
CA ASN D 185 6.88 -23.97 27.29
C ASN D 185 6.67 -25.13 28.26
N HIS D 186 5.58 -25.88 28.02
CA HIS D 186 5.21 -27.02 28.86
C HIS D 186 6.07 -28.22 28.46
N LYS D 187 7.32 -28.21 28.93
CA LYS D 187 8.27 -29.26 28.62
C LYS D 187 8.42 -30.18 29.83
N ASP D 188 8.40 -31.50 29.58
CA ASP D 188 8.71 -32.47 30.63
C ASP D 188 10.09 -32.20 31.20
N HIS D 189 11.06 -31.96 30.34
CA HIS D 189 12.46 -31.78 30.73
C HIS D 189 12.87 -30.35 30.39
N LEU D 190 12.38 -29.39 31.15
CA LEU D 190 12.91 -28.04 31.08
C LEU D 190 14.38 -28.07 31.47
N PRO D 191 15.25 -27.37 30.74
CA PRO D 191 16.65 -27.30 31.16
C PRO D 191 16.77 -26.72 32.56
N GLU D 192 17.72 -27.26 33.33
CA GLU D 192 17.82 -26.90 34.74
C GLU D 192 17.98 -25.41 34.92
N LYS D 193 18.78 -24.76 34.07
CA LYS D 193 18.96 -23.32 34.16
C LYS D 193 17.61 -22.60 34.14
N VAL D 194 16.74 -22.99 33.22
CA VAL D 194 15.43 -22.35 33.12
C VAL D 194 14.56 -22.71 34.32
N ARG D 195 14.54 -23.99 34.70
CA ARG D 195 13.76 -24.41 35.86
C ARG D 195 14.22 -23.67 37.11
N LEU D 196 15.53 -23.46 37.26
CA LEU D 196 16.02 -22.64 38.36
C LEU D 196 15.52 -21.21 38.26
N PHE D 197 15.36 -20.69 37.04
CA PHE D 197 14.87 -19.32 36.88
C PHE D 197 13.40 -19.22 37.24
N ILE D 198 12.59 -20.17 36.79
CA ILE D 198 11.16 -20.14 37.08
C ILE D 198 10.92 -20.23 38.58
N ASP D 199 11.62 -21.15 39.25
CA ASP D 199 11.47 -21.28 40.70
C ASP D 199 11.88 -19.99 41.41
N TYR D 200 12.91 -19.31 40.91
CA TYR D 200 13.36 -18.09 41.57
C TYR D 200 12.30 -16.99 41.46
N VAL D 201 11.70 -16.84 40.28
CA VAL D 201 10.66 -15.83 40.10
C VAL D 201 9.50 -16.10 41.05
N ILE D 202 9.07 -17.36 41.17
CA ILE D 202 7.93 -17.69 42.01
C ILE D 202 8.23 -17.39 43.47
N ALA D 203 9.44 -17.74 43.92
CA ALA D 203 9.83 -17.49 45.30
C ALA D 203 10.13 -16.02 45.59
N TYR D 204 10.20 -15.18 44.56
CA TYR D 204 10.55 -13.78 44.76
C TYR D 204 9.39 -13.00 45.35
N SER E 6 2.73 30.46 20.36
CA SER E 6 3.72 30.55 19.28
C SER E 6 3.62 29.37 18.32
N GLY E 7 3.19 28.22 18.84
CA GLY E 7 2.89 27.07 17.98
C GLY E 7 3.67 25.83 18.40
N LYS E 8 3.93 24.98 17.40
CA LYS E 8 4.53 23.67 17.60
C LYS E 8 5.90 23.60 16.94
N ILE E 9 6.84 22.94 17.61
CA ILE E 9 8.17 22.71 17.08
C ILE E 9 8.44 21.21 17.12
N LYS E 10 8.79 20.64 15.97
CA LYS E 10 9.02 19.20 15.84
C LYS E 10 10.52 18.97 15.72
N ILE E 11 11.07 18.15 16.61
CA ILE E 11 12.50 17.90 16.67
C ILE E 11 12.77 16.40 16.71
N SER E 12 13.99 16.04 16.31
CA SER E 12 14.48 14.67 16.37
C SER E 12 15.77 14.66 17.16
N THR E 13 15.89 13.73 18.10
CA THR E 13 17.05 13.64 18.99
C THR E 13 17.58 12.22 18.99
N PRO E 14 18.85 12.04 19.36
CA PRO E 14 19.43 10.70 19.33
C PRO E 14 18.87 9.79 20.42
N TYR E 15 18.73 8.51 20.08
CA TYR E 15 18.35 7.49 21.03
C TYR E 15 19.41 7.36 22.13
N ASN E 16 18.97 6.96 23.33
CA ASN E 16 19.83 6.69 24.47
C ASN E 16 20.56 7.92 25.00
N LEU E 17 20.50 9.04 24.29
CA LEU E 17 21.21 10.24 24.73
C LEU E 17 20.31 11.41 25.05
N THR E 18 19.01 11.33 24.77
CA THR E 18 18.15 12.50 24.90
C THR E 18 17.94 12.87 26.36
N LYS E 19 17.64 11.89 27.20
CA LYS E 19 17.19 12.20 28.57
C LYS E 19 18.25 12.99 29.34
N ARG E 20 19.50 12.55 29.29
CA ARG E 20 20.54 13.17 30.09
C ARG E 20 21.23 14.33 29.38
N MET E 21 21.31 14.31 28.06
CA MET E 21 22.06 15.31 27.31
C MET E 21 21.19 16.43 26.74
N MET E 22 19.94 16.14 26.37
CA MET E 22 19.06 17.10 25.72
C MET E 22 17.99 17.67 26.61
N MET E 23 17.39 16.85 27.47
CA MET E 23 16.23 17.30 28.25
C MET E 23 16.51 18.46 29.19
N PRO E 24 17.66 18.55 29.87
CA PRO E 24 17.89 19.73 30.75
C PRO E 24 17.74 21.06 30.02
N MET E 25 18.11 21.11 28.74
CA MET E 25 18.02 22.34 27.98
C MET E 25 16.65 22.50 27.33
N LEU E 26 16.06 21.39 26.88
CA LEU E 26 14.69 21.41 26.38
C LEU E 26 13.71 21.78 27.48
N ASN E 27 13.96 21.33 28.70
CA ASN E 27 13.10 21.72 29.81
C ASN E 27 13.24 23.22 30.10
N GLY E 28 14.47 23.72 30.05
CA GLY E 28 14.65 25.16 30.23
C GLY E 28 13.95 25.97 29.16
N PHE E 29 13.97 25.47 27.92
CA PHE E 29 13.31 26.16 26.82
C PHE E 29 11.80 26.18 26.99
N MET E 30 11.21 25.02 27.32
CA MET E 30 9.76 24.95 27.47
C MET E 30 9.27 25.76 28.66
N SER E 31 10.06 25.81 29.74
CA SER E 31 9.68 26.64 30.88
C SER E 31 9.79 28.12 30.55
N GLN E 32 10.77 28.50 29.73
CA GLN E 32 10.93 29.90 29.35
C GLN E 32 9.89 30.35 28.33
N TYR E 33 9.46 29.46 27.42
CA TYR E 33 8.46 29.77 26.40
C TYR E 33 7.28 28.83 26.57
N PRO E 34 6.34 29.15 27.48
CA PRO E 34 5.25 28.21 27.79
C PRO E 34 4.22 28.08 26.68
N GLU E 35 4.19 28.98 25.71
CA GLU E 35 3.22 28.90 24.62
C GLU E 35 3.71 28.06 23.45
N ILE E 36 4.94 27.58 23.50
CA ILE E 36 5.49 26.71 22.47
C ILE E 36 5.27 25.26 22.88
N ASN E 37 4.86 24.43 21.93
CA ASN E 37 4.71 22.99 22.14
C ASN E 37 5.80 22.27 21.37
N ILE E 38 6.52 21.39 22.05
CA ILE E 38 7.61 20.63 21.46
C ILE E 38 7.14 19.21 21.21
N GLU E 39 7.36 18.71 20.00
CA GLU E 39 7.09 17.32 19.66
C GLU E 39 8.43 16.66 19.38
N LEU E 40 8.82 15.71 20.24
CA LEU E 40 10.12 15.08 20.17
C LEU E 40 9.98 13.64 19.69
N THR E 41 10.95 13.20 18.89
CA THR E 41 11.01 11.81 18.44
C THR E 41 12.45 11.34 18.56
N THR E 42 12.66 10.28 19.34
CA THR E 42 13.98 9.67 19.46
C THR E 42 14.27 8.82 18.24
N GLU E 43 15.52 8.87 17.78
CA GLU E 43 15.91 8.19 16.55
C GLU E 43 17.24 7.48 16.77
N SER E 44 17.29 6.19 16.43
CA SER E 44 18.52 5.43 16.56
C SER E 44 19.39 5.50 15.31
N ASN E 45 18.83 5.90 14.18
CA ASN E 45 19.59 6.03 12.94
C ASN E 45 19.08 7.28 12.19
N ALA E 46 19.82 8.37 12.30
CA ALA E 46 19.43 9.62 11.66
C ALA E 46 19.74 9.64 10.17
N ASP E 47 20.53 8.69 9.68
CA ASP E 47 20.76 8.60 8.24
C ASP E 47 19.52 8.16 7.49
N GLN E 48 18.53 7.61 8.20
CA GLN E 48 17.25 7.24 7.61
C GLN E 48 16.20 8.34 7.78
N LEU E 49 16.60 9.53 8.19
CA LEU E 49 15.68 10.65 8.36
C LEU E 49 15.64 11.52 7.10
N ASP E 50 14.46 12.05 6.80
CA ASP E 50 14.30 13.07 5.78
C ASP E 50 14.18 14.42 6.48
N PRO E 51 15.07 15.38 6.21
CA PRO E 51 15.02 16.65 6.97
C PRO E 51 13.71 17.40 6.83
N THR E 52 13.01 17.24 5.70
CA THR E 52 11.79 18.01 5.47
C THR E 52 10.65 17.63 6.40
N GLU E 53 10.84 16.68 7.32
CA GLU E 53 9.83 16.33 8.31
C GLU E 53 10.12 16.93 9.67
N TRP E 54 11.19 17.73 9.80
CA TRP E 54 11.66 18.19 11.10
C TRP E 54 12.07 19.64 11.01
N ASP E 55 11.87 20.35 12.12
CA ASP E 55 12.38 21.71 12.25
C ASP E 55 13.86 21.72 12.62
N VAL E 56 14.24 20.89 13.58
CA VAL E 56 15.61 20.82 14.10
C VAL E 56 15.93 19.36 14.34
N ILE E 57 17.08 18.91 13.86
CA ILE E 57 17.51 17.53 14.01
C ILE E 57 18.76 17.51 14.89
N PHE E 58 18.70 16.76 15.98
CA PHE E 58 19.86 16.54 16.85
C PHE E 58 20.40 15.14 16.56
N ARG E 59 21.67 15.06 16.22
CA ARG E 59 22.20 13.88 15.57
C ARG E 59 23.62 13.58 16.06
N VAL E 60 23.93 12.29 16.14
CA VAL E 60 25.28 11.82 16.43
C VAL E 60 26.02 11.65 15.12
N GLY E 61 27.21 12.24 15.02
CA GLY E 61 28.02 12.15 13.83
C GLY E 61 27.59 13.12 12.75
N PRO E 62 28.41 13.27 11.72
CA PRO E 62 28.07 14.17 10.61
C PRO E 62 26.99 13.62 9.70
N GLN E 63 26.21 14.53 9.13
CA GLN E 63 25.03 14.20 8.34
C GLN E 63 25.34 14.27 6.85
N ARG E 64 24.51 13.57 6.06
CA ARG E 64 24.69 13.54 4.61
C ARG E 64 24.34 14.88 3.96
N ASP E 65 23.17 15.43 4.29
CA ASP E 65 22.66 16.59 3.58
C ASP E 65 23.41 17.86 3.99
N SER E 66 23.94 18.57 2.99
CA SER E 66 24.60 19.85 3.21
C SER E 66 23.69 21.05 2.97
N SER E 67 22.48 20.83 2.43
CA SER E 67 21.46 21.88 2.45
C SER E 67 21.08 22.29 3.86
N LEU E 68 21.51 21.52 4.86
CA LEU E 68 21.31 21.85 6.26
C LEU E 68 22.57 22.46 6.85
N ILE E 69 22.37 23.36 7.81
CA ILE E 69 23.48 23.91 8.59
C ILE E 69 23.74 22.97 9.76
N ALA E 70 25.01 22.60 9.96
CA ALA E 70 25.42 21.75 11.05
C ALA E 70 26.16 22.58 12.09
N ARG E 71 25.90 22.30 13.37
CA ARG E 71 26.54 23.01 14.47
C ARG E 71 26.84 22.03 15.59
N LYS E 72 28.11 21.97 15.99
CA LYS E 72 28.52 21.07 17.06
C LYS E 72 28.05 21.62 18.41
N ILE E 73 27.49 20.73 19.24
CA ILE E 73 26.94 21.11 20.53
C ILE E 73 27.61 20.35 21.65
N GLY E 74 27.98 19.10 21.38
CA GLY E 74 28.67 18.33 22.39
C GLY E 74 29.45 17.19 21.77
N SER E 75 30.06 16.40 22.65
CA SER E 75 30.80 15.23 22.25
C SER E 75 30.66 14.20 23.37
N VAL E 76 30.56 12.92 22.98
CA VAL E 76 30.35 11.83 23.91
C VAL E 76 31.29 10.69 23.57
N LYS E 77 31.80 10.02 24.60
CA LYS E 77 32.58 8.79 24.43
C LYS E 77 32.04 7.74 25.39
N ASP E 78 32.24 6.48 25.05
CA ASP E 78 31.80 5.37 25.89
C ASP E 78 32.92 4.98 26.84
N ILE E 79 32.56 4.75 28.10
CA ILE E 79 33.53 4.45 29.15
C ILE E 79 33.12 3.20 29.89
N LEU E 80 34.11 2.45 30.38
CA LEU E 80 33.87 1.26 31.18
C LEU E 80 33.64 1.66 32.63
N VAL E 81 32.58 1.10 33.24
CA VAL E 81 32.25 1.39 34.62
C VAL E 81 31.84 0.12 35.34
N ALA E 82 31.96 0.17 36.67
CA ALA E 82 31.51 -0.88 37.55
C ALA E 82 31.14 -0.24 38.87
N SER E 83 30.31 -0.94 39.63
CA SER E 83 29.90 -0.44 40.91
C SER E 83 31.03 -0.59 41.92
N PRO E 84 30.97 0.16 43.03
CA PRO E 84 32.01 0.01 44.05
C PRO E 84 32.09 -1.39 44.64
N GLU E 85 30.96 -2.08 44.80
CA GLU E 85 31.04 -3.40 45.38
C GLU E 85 31.81 -4.35 44.47
N TYR E 86 31.64 -4.20 43.14
CA TYR E 86 32.35 -5.09 42.22
C TYR E 86 33.84 -4.75 42.14
N VAL E 87 34.19 -3.45 42.16
CA VAL E 87 35.59 -3.04 42.03
C VAL E 87 36.42 -3.59 43.19
N ASN E 88 35.84 -3.66 44.38
CA ASN E 88 36.54 -4.17 45.54
C ASN E 88 36.45 -5.69 45.69
N ALA E 89 35.69 -6.36 44.83
CA ALA E 89 35.52 -7.80 44.93
C ALA E 89 36.52 -8.59 44.09
N HIS E 90 37.21 -7.94 43.15
CA HIS E 90 38.14 -8.63 42.27
C HIS E 90 39.26 -7.65 41.90
N PRO E 91 40.41 -8.15 41.48
CA PRO E 91 41.42 -7.27 40.86
C PRO E 91 40.85 -6.62 39.61
N MET E 92 40.87 -5.29 39.59
CA MET E 92 40.40 -4.56 38.42
C MET E 92 41.43 -4.67 37.30
N PRO E 93 40.98 -4.60 36.03
CA PRO E 93 41.91 -4.92 34.92
C PRO E 93 43.00 -3.89 34.74
N THR E 94 44.17 -4.38 34.40
CA THR E 94 45.27 -3.49 34.06
C THR E 94 45.28 -3.13 32.58
N HIS E 95 44.97 -4.11 31.72
CA HIS E 95 44.91 -3.93 30.28
C HIS E 95 43.51 -4.32 29.78
N ALA E 96 43.14 -3.85 28.59
CA ALA E 96 41.84 -4.21 28.05
C ALA E 96 41.71 -5.72 27.84
N GLU E 97 42.84 -6.42 27.65
CA GLU E 97 42.80 -7.85 27.47
C GLU E 97 42.29 -8.58 28.70
N ASP E 98 42.48 -7.98 29.88
CA ASP E 98 42.05 -8.61 31.12
C ASP E 98 40.53 -8.67 31.27
N LEU E 99 39.79 -8.03 30.38
CA LEU E 99 38.32 -8.08 30.45
C LEU E 99 37.79 -9.48 30.21
N HIS E 100 38.59 -10.36 29.59
CA HIS E 100 38.19 -11.75 29.41
C HIS E 100 38.00 -12.48 30.73
N ASP E 101 38.54 -11.96 31.84
CA ASP E 101 38.42 -12.60 33.14
C ASP E 101 37.31 -12.01 33.99
N HIS E 102 36.51 -11.10 33.45
CA HIS E 102 35.53 -10.37 34.24
C HIS E 102 34.12 -10.61 33.72
N PHE E 103 33.15 -10.48 34.61
CA PHE E 103 31.76 -10.46 34.21
C PHE E 103 31.50 -9.20 33.42
N LEU E 104 31.03 -9.34 32.19
CA LEU E 104 30.74 -8.21 31.33
C LEU E 104 29.23 -8.08 31.16
N LEU E 105 28.75 -6.85 31.16
CA LEU E 105 27.33 -6.56 30.93
C LEU E 105 27.25 -5.67 29.70
N LYS E 106 26.62 -6.17 28.65
CA LYS E 106 26.63 -5.53 27.35
C LYS E 106 25.21 -5.28 26.85
N GLY E 107 24.99 -4.09 26.29
CA GLY E 107 23.70 -3.75 25.75
C GLY E 107 23.82 -3.19 24.35
N HIS E 108 22.81 -3.47 23.54
CA HIS E 108 22.78 -2.94 22.18
C HIS E 108 22.65 -1.41 22.22
N PRO E 109 23.37 -0.69 21.36
CA PRO E 109 24.22 -1.16 20.26
C PRO E 109 25.69 -1.32 20.63
N LEU E 110 25.95 -1.53 21.92
CA LEU E 110 27.33 -1.70 22.37
C LEU E 110 27.60 -3.14 22.78
N LEU E 111 27.25 -4.08 21.91
CA LEU E 111 27.63 -5.47 22.16
C LEU E 111 29.11 -5.69 21.87
N LYS E 112 29.62 -5.09 20.80
CA LYS E 112 31.04 -5.10 20.51
C LYS E 112 31.71 -3.89 21.15
N TRP E 113 32.80 -4.12 21.87
CA TRP E 113 33.55 -3.08 22.55
C TRP E 113 34.84 -2.83 21.78
N THR E 114 34.89 -1.73 21.03
CA THR E 114 36.09 -1.32 20.29
C THR E 114 36.78 -0.25 21.12
N LEU E 115 37.62 -0.68 22.06
CA LEU E 115 38.24 0.22 23.01
C LEU E 115 39.59 0.68 22.51
N ILE E 116 39.87 1.97 22.67
CA ILE E 116 41.13 2.57 22.25
C ILE E 116 41.67 3.41 23.40
N ASN E 117 42.97 3.33 23.64
CA ASN E 117 43.58 4.03 24.75
C ASN E 117 44.24 5.32 24.27
N SER E 118 44.96 5.99 25.17
CA SER E 118 45.56 7.29 24.87
C SER E 118 46.72 7.18 23.89
N LYS E 119 47.27 5.98 23.70
CA LYS E 119 48.37 5.79 22.76
C LYS E 119 47.88 5.37 21.38
N GLY E 120 46.59 5.12 21.20
CA GLY E 120 46.05 4.71 19.93
C GLY E 120 45.96 3.23 19.70
N GLU E 121 46.19 2.41 20.73
CA GLU E 121 46.04 0.97 20.59
C GLU E 121 44.58 0.58 20.73
N THR E 122 44.10 -0.22 19.79
CA THR E 122 42.71 -0.67 19.78
C THR E 122 42.63 -2.12 20.25
N VAL E 123 41.73 -2.38 21.19
CA VAL E 123 41.43 -3.72 21.66
C VAL E 123 39.93 -3.94 21.51
N VAL E 124 39.55 -5.06 20.91
CA VAL E 124 38.15 -5.36 20.61
C VAL E 124 37.72 -6.53 21.48
N ASN E 125 36.66 -6.33 22.25
CA ASN E 125 36.07 -7.38 23.07
C ASN E 125 34.71 -7.75 22.52
N VAL E 126 34.53 -9.03 22.21
CA VAL E 126 33.23 -9.53 21.77
C VAL E 126 32.87 -10.77 22.57
N ASP E 127 33.34 -10.84 23.81
CA ASP E 127 32.94 -11.92 24.71
C ASP E 127 31.45 -11.83 25.01
N ARG E 128 30.81 -12.98 25.17
CA ARG E 128 29.41 -12.98 25.60
C ARG E 128 29.30 -12.50 27.03
N GLY E 129 28.41 -11.55 27.27
CA GLY E 129 28.24 -11.01 28.59
C GLY E 129 27.41 -11.90 29.50
N ARG E 130 27.69 -11.79 30.79
CA ARG E 130 26.82 -12.43 31.79
C ARG E 130 25.39 -11.96 31.65
N PHE E 131 25.21 -10.71 31.24
CA PHE E 131 23.90 -10.16 30.91
C PHE E 131 24.03 -9.39 29.60
N GLN E 132 23.21 -9.75 28.62
CA GLN E 132 23.14 -9.05 27.35
C GLN E 132 21.71 -8.62 27.11
N ALA E 133 21.51 -7.34 26.81
CA ALA E 133 20.18 -6.76 26.83
C ALA E 133 19.89 -5.99 25.56
N ASN E 134 18.58 -5.88 25.29
CA ASN E 134 18.10 -5.10 24.15
C ASN E 134 18.40 -3.62 24.31
N ALA E 135 18.33 -3.11 25.54
CA ALA E 135 18.47 -1.69 25.83
C ALA E 135 19.61 -1.46 26.82
N LEU E 136 20.09 -0.22 26.87
CA LEU E 136 21.21 0.14 27.73
C LEU E 136 20.80 0.51 29.15
N ASN E 137 19.62 1.12 29.32
CA ASN E 137 19.18 1.52 30.65
C ASN E 137 19.08 0.33 31.58
N VAL E 138 18.76 -0.84 31.04
CA VAL E 138 18.66 -2.04 31.87
C VAL E 138 20.05 -2.54 32.24
N VAL E 139 21.01 -2.45 31.32
CA VAL E 139 22.37 -2.90 31.60
C VAL E 139 22.99 -2.06 32.70
N ARG E 140 22.72 -0.75 32.70
CA ARG E 140 23.24 0.10 33.77
C ARG E 140 22.67 -0.30 35.11
N SER E 141 21.39 -0.68 35.16
CA SER E 141 20.80 -1.18 36.39
C SER E 141 21.54 -2.40 36.90
N ALA E 142 21.88 -3.35 36.01
CA ALA E 142 22.66 -4.50 36.43
C ALA E 142 24.06 -4.12 36.87
N CYS E 143 24.67 -3.11 36.23
CA CYS E 143 26.00 -2.67 36.64
C CYS E 143 25.96 -2.05 38.04
N SER E 144 24.97 -1.19 38.32
CA SER E 144 24.90 -0.55 39.63
C SER E 144 24.74 -1.59 40.73
N GLU E 145 24.10 -2.72 40.43
CA GLU E 145 23.91 -3.77 41.40
C GLU E 145 25.15 -4.65 41.58
N GLY E 146 26.28 -4.28 40.97
CA GLY E 146 27.51 -4.99 41.21
C GLY E 146 27.68 -6.27 40.45
N LEU E 147 27.02 -6.41 39.31
CA LEU E 147 27.06 -7.66 38.55
C LEU E 147 28.18 -7.72 37.52
N GLY E 148 28.95 -6.65 37.35
CA GLY E 148 30.10 -6.70 36.47
C GLY E 148 30.38 -5.35 35.83
N ILE E 149 31.18 -5.40 34.76
CA ILE E 149 31.66 -4.22 34.04
C ILE E 149 30.78 -3.99 32.81
N THR E 150 30.43 -2.74 32.57
CA THR E 150 29.67 -2.37 31.39
C THR E 150 30.35 -1.21 30.68
N LEU E 151 30.00 -1.03 29.41
CA LEU E 151 30.44 0.10 28.62
C LEU E 151 29.23 0.98 28.34
N MET E 152 29.29 2.23 28.79
CA MET E 152 28.17 3.12 28.72
C MET E 152 28.62 4.49 28.21
N PRO E 153 27.82 5.16 27.40
CA PRO E 153 28.12 6.56 27.06
C PRO E 153 28.25 7.42 28.30
N ASP E 154 29.34 8.18 28.39
CA ASP E 154 29.66 8.92 29.61
C ASP E 154 28.56 9.92 29.97
N VAL E 155 27.86 10.46 28.98
CA VAL E 155 26.81 11.43 29.25
C VAL E 155 25.64 10.79 29.98
N MET E 156 25.46 9.47 29.84
CA MET E 156 24.34 8.81 30.51
C MET E 156 24.60 8.55 31.99
N ILE E 157 25.86 8.55 32.43
CA ILE E 157 26.17 8.10 33.77
C ILE E 157 27.04 9.10 34.52
N LYS E 158 27.02 10.36 34.09
CA LYS E 158 27.83 11.36 34.79
C LYS E 158 27.36 11.56 36.22
N GLU E 159 26.05 11.46 36.46
CA GLU E 159 25.54 11.55 37.83
C GLU E 159 26.02 10.39 38.68
N TYR E 160 26.07 9.18 38.11
CA TYR E 160 26.52 8.03 38.88
C TYR E 160 28.02 8.07 39.12
N ILE E 161 28.78 8.62 38.18
CA ILE E 161 30.21 8.81 38.40
C ILE E 161 30.43 9.86 39.48
N ALA E 162 29.64 10.93 39.47
CA ALA E 162 29.82 12.00 40.43
C ALA E 162 29.49 11.54 41.85
N ASP E 163 28.37 10.85 42.03
CA ASP E 163 27.96 10.42 43.37
C ASP E 163 28.71 9.19 43.86
N GLY E 164 29.47 8.51 42.99
CA GLY E 164 30.28 7.39 43.39
C GLY E 164 29.64 6.03 43.29
N SER E 165 28.41 5.93 42.79
CA SER E 165 27.75 4.63 42.67
C SER E 165 28.24 3.82 41.47
N LEU E 166 28.95 4.45 40.54
CA LEU E 166 29.62 3.75 39.46
C LEU E 166 31.04 4.31 39.34
N VAL E 167 32.01 3.41 39.16
CA VAL E 167 33.42 3.77 39.17
C VAL E 167 34.00 3.52 37.79
N ARG E 168 34.74 4.48 37.26
CA ARG E 168 35.39 4.32 35.98
C ARG E 168 36.57 3.35 36.12
N ILE E 169 36.51 2.23 35.40
CA ILE E 169 37.62 1.31 35.33
C ILE E 169 38.30 1.47 33.97
N LEU E 170 39.54 1.00 33.90
CA LEU E 170 40.44 1.20 32.77
C LEU E 170 40.38 2.67 32.30
N PRO E 171 40.73 3.61 33.18
CA PRO E 171 40.49 5.03 32.86
C PRO E 171 41.30 5.54 31.68
N ASP E 172 42.27 4.77 31.21
CA ASP E 172 43.03 5.14 30.01
C ASP E 172 42.33 4.73 28.73
N TRP E 173 41.12 4.17 28.80
CA TRP E 173 40.48 3.61 27.63
C TRP E 173 39.09 4.21 27.42
N SER E 174 38.72 4.33 26.15
CA SER E 174 37.43 4.86 25.74
C SER E 174 36.97 4.10 24.51
N ALA E 175 35.82 4.49 23.98
CA ALA E 175 35.31 3.85 22.78
C ALA E 175 34.35 4.79 22.07
N ASN E 176 34.36 4.71 20.73
CA ASN E 176 33.46 5.44 19.86
C ASN E 176 33.32 6.93 20.21
N PRO E 177 34.41 7.70 20.17
CA PRO E 177 34.29 9.15 20.35
C PRO E 177 33.53 9.76 19.18
N ARG E 178 32.59 10.66 19.51
CA ARG E 178 31.73 11.23 18.49
C ARG E 178 31.21 12.58 18.97
N ASP E 179 30.88 13.44 18.01
CA ASP E 179 30.29 14.75 18.28
C ASP E 179 28.79 14.73 17.98
N ILE E 180 28.07 15.65 18.62
CA ILE E 180 26.63 15.76 18.48
C ILE E 180 26.32 17.07 17.78
N TYR E 181 25.58 17.01 16.68
CA TYR E 181 25.29 18.18 15.87
C TYR E 181 23.81 18.53 15.93
N MET E 182 23.53 19.83 15.81
CA MET E 182 22.19 20.33 15.53
C MET E 182 22.11 20.69 14.05
N LEU E 183 21.02 20.26 13.41
CA LEU E 183 20.83 20.49 12.00
C LEU E 183 19.49 21.16 11.75
N TYR E 184 19.46 22.02 10.73
CA TYR E 184 18.23 22.66 10.30
C TYR E 184 18.45 23.19 8.89
N ASN E 185 17.36 23.27 8.14
CA ASN E 185 17.41 23.73 6.76
C ASN E 185 17.37 25.26 6.75
N HIS E 186 18.47 25.89 6.35
CA HIS E 186 18.52 27.34 6.25
C HIS E 186 18.16 27.86 4.87
N LYS E 187 17.96 26.97 3.89
CA LYS E 187 17.49 27.40 2.58
C LYS E 187 16.00 27.74 2.60
N ASP E 188 15.23 27.10 3.47
CA ASP E 188 13.85 27.47 3.70
C ASP E 188 13.77 28.49 4.83
N HIS E 189 12.73 29.32 4.80
CA HIS E 189 12.57 30.34 5.82
C HIS E 189 12.31 29.71 7.18
N LEU E 190 12.87 30.33 8.22
CA LEU E 190 12.71 29.84 9.58
C LEU E 190 11.66 30.65 10.30
N PRO E 191 10.58 30.04 10.78
CA PRO E 191 9.60 30.79 11.58
C PRO E 191 10.22 31.25 12.88
N GLU E 192 9.56 32.22 13.53
CA GLU E 192 10.13 32.85 14.71
C GLU E 192 10.32 31.86 15.84
N LYS E 193 9.35 30.95 16.05
CA LYS E 193 9.46 29.99 17.14
C LYS E 193 10.68 29.09 16.99
N VAL E 194 11.04 28.75 15.75
CA VAL E 194 12.20 27.88 15.54
C VAL E 194 13.50 28.65 15.71
N ARG E 195 13.54 29.91 15.28
CA ARG E 195 14.72 30.72 15.51
C ARG E 195 14.96 30.93 17.00
N LEU E 196 13.89 31.21 17.76
CA LEU E 196 14.02 31.32 19.21
C LEU E 196 14.60 30.05 19.80
N PHE E 197 14.18 28.90 19.28
CA PHE E 197 14.69 27.63 19.78
C PHE E 197 16.18 27.49 19.51
N ILE E 198 16.59 27.73 18.26
CA ILE E 198 18.00 27.57 17.90
C ILE E 198 18.88 28.52 18.71
N ASP E 199 18.42 29.75 18.88
CA ASP E 199 19.17 30.71 19.69
C ASP E 199 19.31 30.24 21.13
N TYR E 200 18.24 29.68 21.70
CA TYR E 200 18.31 29.19 23.07
C TYR E 200 19.34 28.07 23.18
N VAL E 201 19.36 27.16 22.21
CA VAL E 201 20.30 26.04 22.23
C VAL E 201 21.73 26.56 22.25
N ILE E 202 22.07 27.49 21.35
CA ILE E 202 23.42 28.02 21.28
C ILE E 202 23.79 28.72 22.57
N ALA E 203 22.88 29.54 23.11
CA ALA E 203 23.17 30.24 24.36
C ALA E 203 23.35 29.27 25.52
N TYR E 204 22.69 28.12 25.47
CA TYR E 204 22.79 27.13 26.54
C TYR E 204 24.17 26.50 26.57
N ALA F 5 -1.87 -13.54 -39.41
CA ALA F 5 -2.88 -12.91 -40.26
C ALA F 5 -4.21 -12.76 -39.51
N SER F 6 -4.29 -13.35 -38.32
CA SER F 6 -5.49 -13.27 -37.51
C SER F 6 -5.12 -13.34 -36.05
N GLY F 7 -6.06 -12.95 -35.19
CA GLY F 7 -5.87 -12.95 -33.75
C GLY F 7 -6.15 -11.58 -33.17
N LYS F 8 -5.63 -11.36 -31.97
CA LYS F 8 -5.83 -10.11 -31.23
C LYS F 8 -4.60 -9.23 -31.34
N ILE F 9 -4.82 -7.93 -31.50
CA ILE F 9 -3.78 -6.92 -31.42
C ILE F 9 -4.11 -6.00 -30.25
N LYS F 10 -3.23 -5.93 -29.27
CA LYS F 10 -3.43 -5.13 -28.07
C LYS F 10 -2.69 -3.80 -28.24
N ILE F 11 -3.44 -2.70 -28.20
CA ILE F 11 -2.87 -1.37 -28.42
C ILE F 11 -3.33 -0.41 -27.34
N SER F 12 -2.49 0.59 -27.07
CA SER F 12 -2.79 1.65 -26.12
C SER F 12 -2.67 3.00 -26.84
N THR F 13 -3.55 3.92 -26.50
CA THR F 13 -3.61 5.22 -27.15
C THR F 13 -3.91 6.28 -26.09
N PRO F 14 -3.59 7.54 -26.36
CA PRO F 14 -3.88 8.60 -25.38
C PRO F 14 -5.37 8.84 -25.24
N TYR F 15 -5.72 9.50 -24.14
CA TYR F 15 -7.11 9.65 -23.71
C TYR F 15 -7.95 10.43 -24.71
N ASN F 16 -7.73 11.73 -24.80
CA ASN F 16 -8.67 12.61 -25.48
C ASN F 16 -8.44 12.73 -26.98
N LEU F 17 -7.44 12.03 -27.53
CA LEU F 17 -7.15 12.13 -28.95
C LEU F 17 -7.50 10.90 -29.75
N THR F 18 -7.93 9.82 -29.08
CA THR F 18 -8.19 8.57 -29.79
C THR F 18 -9.33 8.68 -30.76
N LYS F 19 -10.40 9.41 -30.39
CA LYS F 19 -11.63 9.38 -31.18
C LYS F 19 -11.43 9.97 -32.56
N ARG F 20 -10.73 11.10 -32.66
CA ARG F 20 -10.62 11.79 -33.93
C ARG F 20 -9.27 11.67 -34.62
N MET F 21 -8.21 11.35 -33.88
CA MET F 21 -6.91 11.13 -34.52
C MET F 21 -6.70 9.67 -34.88
N MET F 22 -7.10 8.75 -33.99
CA MET F 22 -6.81 7.32 -34.15
C MET F 22 -7.93 6.55 -34.83
N MET F 23 -9.19 6.83 -34.50
CA MET F 23 -10.28 5.95 -34.92
C MET F 23 -10.46 5.85 -36.43
N PRO F 24 -10.41 6.94 -37.23
CA PRO F 24 -10.57 6.78 -38.68
C PRO F 24 -9.58 5.80 -39.28
N MET F 25 -8.32 5.87 -38.84
CA MET F 25 -7.33 4.90 -39.29
C MET F 25 -7.57 3.53 -38.65
N LEU F 26 -8.04 3.52 -37.40
CA LEU F 26 -8.29 2.24 -36.73
C LEU F 26 -9.50 1.53 -37.33
N ASN F 27 -10.55 2.29 -37.65
CA ASN F 27 -11.70 1.68 -38.32
C ASN F 27 -11.35 1.16 -39.70
N GLY F 28 -10.42 1.81 -40.39
CA GLY F 28 -10.03 1.35 -41.72
C GLY F 28 -9.26 0.05 -41.70
N PHE F 29 -8.44 -0.17 -40.66
CA PHE F 29 -7.68 -1.41 -40.57
C PHE F 29 -8.59 -2.59 -40.29
N MET F 30 -9.50 -2.45 -39.33
CA MET F 30 -10.41 -3.54 -39.00
C MET F 30 -11.29 -3.90 -40.19
N SER F 31 -11.73 -2.89 -40.94
CA SER F 31 -12.53 -3.15 -42.13
C SER F 31 -11.76 -3.95 -43.17
N GLN F 32 -10.46 -3.67 -43.31
CA GLN F 32 -9.63 -4.39 -44.27
C GLN F 32 -9.19 -5.76 -43.77
N TYR F 33 -9.16 -5.96 -42.46
CA TYR F 33 -8.71 -7.23 -41.86
C TYR F 33 -9.76 -7.71 -40.87
N PRO F 34 -10.82 -8.35 -41.37
CA PRO F 34 -11.94 -8.72 -40.48
C PRO F 34 -11.60 -9.81 -39.49
N GLU F 35 -10.60 -10.65 -39.76
CA GLU F 35 -10.25 -11.74 -38.88
C GLU F 35 -9.29 -11.31 -37.78
N ILE F 36 -9.07 -10.01 -37.60
CA ILE F 36 -8.18 -9.48 -36.58
C ILE F 36 -9.01 -8.69 -35.58
N ASN F 37 -8.81 -8.98 -34.30
CA ASN F 37 -9.47 -8.26 -33.21
C ASN F 37 -8.55 -7.17 -32.68
N ILE F 38 -9.16 -6.06 -32.25
CA ILE F 38 -8.43 -4.93 -31.70
C ILE F 38 -8.93 -4.67 -30.29
N GLU F 39 -8.01 -4.63 -29.34
CA GLU F 39 -8.31 -4.41 -27.91
C GLU F 39 -7.62 -3.11 -27.51
N LEU F 40 -8.40 -2.04 -27.41
CA LEU F 40 -7.88 -0.68 -27.26
C LEU F 40 -8.02 -0.21 -25.81
N THR F 41 -6.99 0.50 -25.33
CA THR F 41 -6.98 1.02 -23.97
C THR F 41 -6.48 2.46 -23.99
N THR F 42 -7.36 3.40 -23.68
CA THR F 42 -7.00 4.81 -23.57
C THR F 42 -6.29 5.04 -22.25
N GLU F 43 -5.05 5.52 -22.30
CA GLU F 43 -4.23 5.73 -21.12
C GLU F 43 -3.92 7.22 -20.99
N SER F 44 -4.14 7.75 -19.79
CA SER F 44 -3.89 9.17 -19.52
C SER F 44 -2.41 9.47 -19.37
N ASN F 45 -1.55 8.47 -19.23
CA ASN F 45 -0.11 8.68 -19.09
C ASN F 45 0.61 7.43 -19.58
N ALA F 46 1.39 7.58 -20.63
CA ALA F 46 2.12 6.47 -21.23
C ALA F 46 3.50 6.27 -20.63
N ASP F 47 3.97 7.20 -19.79
CA ASP F 47 5.28 7.05 -19.16
C ASP F 47 5.33 5.86 -18.20
N GLN F 48 4.18 5.39 -17.75
CA GLN F 48 4.07 4.21 -16.89
C GLN F 48 3.27 3.15 -17.63
N LEU F 49 3.86 2.64 -18.72
CA LEU F 49 3.33 1.52 -19.48
C LEU F 49 4.42 0.49 -19.64
N ASP F 50 4.07 -0.79 -19.47
CA ASP F 50 5.02 -1.87 -19.68
C ASP F 50 5.02 -2.25 -21.16
N PRO F 51 6.08 -1.93 -21.91
CA PRO F 51 6.04 -2.17 -23.36
C PRO F 51 5.86 -3.63 -23.74
N THR F 52 6.21 -4.56 -22.84
CA THR F 52 6.05 -5.98 -23.15
C THR F 52 4.59 -6.42 -23.08
N GLU F 53 3.74 -5.67 -22.39
CA GLU F 53 2.32 -5.99 -22.30
C GLU F 53 1.51 -5.50 -23.50
N TRP F 54 2.16 -4.94 -24.51
CA TRP F 54 1.45 -4.34 -25.63
C TRP F 54 2.15 -4.70 -26.93
N ASP F 55 1.37 -4.71 -28.01
CA ASP F 55 1.91 -4.91 -29.34
C ASP F 55 2.25 -3.58 -30.01
N VAL F 56 1.39 -2.58 -29.86
CA VAL F 56 1.64 -1.23 -30.35
C VAL F 56 1.22 -0.25 -29.26
N ILE F 57 2.01 0.81 -29.10
CA ILE F 57 1.68 1.87 -28.15
C ILE F 57 1.71 3.20 -28.88
N PHE F 58 0.58 3.91 -28.87
CA PHE F 58 0.51 5.28 -29.37
C PHE F 58 0.64 6.22 -28.20
N ARG F 59 1.57 7.17 -28.31
CA ARG F 59 2.00 7.95 -27.16
C ARG F 59 2.28 9.39 -27.56
N VAL F 60 1.99 10.31 -26.65
CA VAL F 60 2.39 11.70 -26.78
C VAL F 60 3.78 11.86 -26.19
N GLY F 61 4.71 12.35 -27.01
CA GLY F 61 6.07 12.54 -26.57
C GLY F 61 6.93 11.31 -26.83
N PRO F 62 8.24 11.51 -26.91
CA PRO F 62 9.15 10.37 -27.13
C PRO F 62 9.30 9.52 -25.88
N GLN F 63 9.75 8.28 -26.11
CA GLN F 63 9.98 7.32 -25.03
C GLN F 63 11.11 7.76 -24.10
N SER F 66 14.26 3.63 -24.45
CA SER F 66 14.46 3.69 -25.90
C SER F 66 14.57 2.29 -26.50
N SER F 67 13.94 1.31 -25.86
CA SER F 67 14.01 -0.07 -26.32
C SER F 67 13.20 -0.30 -27.59
N LEU F 68 12.20 0.53 -27.86
CA LEU F 68 11.24 0.30 -28.94
C LEU F 68 11.60 1.10 -30.18
N ILE F 69 11.00 0.70 -31.31
CA ILE F 69 11.01 1.51 -32.52
C ILE F 69 9.94 2.59 -32.40
N ALA F 70 10.34 3.84 -32.55
CA ALA F 70 9.43 4.97 -32.46
C ALA F 70 9.29 5.62 -33.83
N ARG F 71 8.05 5.87 -34.25
CA ARG F 71 7.77 6.61 -35.47
C ARG F 71 6.84 7.77 -35.13
N LYS F 72 7.30 8.99 -35.40
CA LYS F 72 6.42 10.15 -35.30
C LYS F 72 5.34 10.04 -36.37
N ILE F 73 4.08 9.96 -35.94
CA ILE F 73 2.96 9.84 -36.86
C ILE F 73 2.11 11.10 -36.91
N GLY F 74 2.39 12.09 -36.07
CA GLY F 74 1.62 13.32 -36.08
C GLY F 74 2.05 14.22 -34.94
N SER F 75 1.33 15.33 -34.79
CA SER F 75 1.61 16.28 -33.73
C SER F 75 0.38 17.11 -33.49
N VAL F 76 0.12 17.42 -32.22
CA VAL F 76 -1.05 18.19 -31.81
C VAL F 76 -0.61 19.36 -30.96
N LYS F 77 -1.52 20.31 -30.77
CA LYS F 77 -1.31 21.43 -29.86
C LYS F 77 -2.67 21.89 -29.36
N ASP F 78 -2.66 22.57 -28.21
CA ASP F 78 -3.89 23.04 -27.60
C ASP F 78 -4.16 24.47 -28.06
N ILE F 79 -5.35 24.69 -28.62
CA ILE F 79 -5.70 25.99 -29.18
C ILE F 79 -6.95 26.51 -28.47
N LEU F 80 -7.15 27.82 -28.58
CA LEU F 80 -8.29 28.50 -27.98
C LEU F 80 -9.40 28.67 -29.01
N VAL F 81 -10.63 28.28 -28.64
CA VAL F 81 -11.76 28.37 -29.54
C VAL F 81 -12.98 28.90 -28.78
N ALA F 82 -13.95 29.37 -29.56
CA ALA F 82 -15.22 29.84 -29.04
C ALA F 82 -16.23 29.80 -30.18
N SER F 83 -17.52 29.77 -29.81
CA SER F 83 -18.56 29.74 -30.82
C SER F 83 -18.73 31.11 -31.46
N PRO F 84 -19.17 31.17 -32.72
CA PRO F 84 -19.45 32.47 -33.33
C PRO F 84 -20.53 33.24 -32.62
N GLU F 85 -21.49 32.53 -32.02
CA GLU F 85 -22.52 33.20 -31.24
C GLU F 85 -21.91 33.97 -30.07
N TYR F 86 -20.88 33.40 -29.45
CA TYR F 86 -20.20 34.09 -28.35
C TYR F 86 -19.34 35.24 -28.86
N VAL F 87 -18.73 35.07 -30.03
CA VAL F 87 -17.87 36.12 -30.59
C VAL F 87 -18.70 37.34 -30.97
N ASN F 88 -19.91 37.12 -31.49
CA ASN F 88 -20.75 38.25 -31.87
C ASN F 88 -21.19 39.07 -30.65
N ALA F 89 -21.19 38.47 -29.47
CA ALA F 89 -21.59 39.18 -28.26
C ALA F 89 -20.41 39.70 -27.44
N HIS F 90 -19.18 39.27 -27.76
CA HIS F 90 -18.02 39.67 -26.99
C HIS F 90 -16.85 39.85 -27.94
N PRO F 91 -16.13 40.98 -27.86
CA PRO F 91 -15.02 41.21 -28.80
C PRO F 91 -13.91 40.19 -28.61
N MET F 92 -13.44 39.63 -29.72
CA MET F 92 -12.37 38.65 -29.68
C MET F 92 -11.13 39.28 -29.05
N PRO F 93 -10.43 38.57 -28.16
CA PRO F 93 -9.23 39.14 -27.54
C PRO F 93 -8.09 39.26 -28.53
N THR F 94 -7.41 40.40 -28.49
CA THR F 94 -6.24 40.62 -29.34
C THR F 94 -4.95 40.21 -28.65
N HIS F 95 -4.91 40.26 -27.33
CA HIS F 95 -3.77 39.80 -26.55
C HIS F 95 -4.22 38.71 -25.59
N ALA F 96 -3.27 37.83 -25.22
CA ALA F 96 -3.59 36.76 -24.28
C ALA F 96 -4.02 37.31 -22.93
N GLU F 97 -3.54 38.51 -22.56
CA GLU F 97 -3.94 39.10 -21.29
C GLU F 97 -5.41 39.51 -21.28
N ASP F 98 -6.00 39.77 -22.45
CA ASP F 98 -7.41 40.13 -22.54
C ASP F 98 -8.34 38.99 -22.16
N LEU F 99 -7.81 37.77 -21.96
CA LEU F 99 -8.63 36.64 -21.53
C LEU F 99 -9.27 36.88 -20.17
N HIS F 100 -8.74 37.82 -19.39
CA HIS F 100 -9.36 38.17 -18.12
C HIS F 100 -10.68 38.90 -18.28
N ASP F 101 -11.00 39.38 -19.48
CA ASP F 101 -12.25 40.07 -19.75
C ASP F 101 -13.31 39.14 -20.33
N HIS F 102 -13.14 37.82 -20.19
CA HIS F 102 -13.98 36.88 -20.93
C HIS F 102 -14.42 35.73 -20.04
N PHE F 103 -15.56 35.16 -20.39
CA PHE F 103 -16.00 33.90 -19.79
C PHE F 103 -15.09 32.78 -20.26
N LEU F 104 -14.47 32.08 -19.32
CA LEU F 104 -13.58 30.98 -19.66
C LEU F 104 -14.23 29.65 -19.27
N LEU F 105 -13.95 28.61 -20.06
CA LEU F 105 -14.42 27.26 -19.80
C LEU F 105 -13.21 26.35 -19.78
N LYS F 106 -12.95 25.74 -18.63
CA LYS F 106 -11.72 25.00 -18.40
C LYS F 106 -12.04 23.56 -17.99
N GLY F 107 -11.27 22.63 -18.53
CA GLY F 107 -11.44 21.23 -18.23
C GLY F 107 -10.12 20.52 -18.05
N HIS F 108 -10.06 19.63 -17.05
CA HIS F 108 -8.84 18.86 -16.80
C HIS F 108 -8.48 18.04 -18.03
N PRO F 109 -7.19 17.93 -18.37
CA PRO F 109 -6.03 18.45 -17.64
C PRO F 109 -5.58 19.85 -18.06
N LEU F 110 -6.49 20.65 -18.59
CA LEU F 110 -6.17 21.97 -19.10
C LEU F 110 -6.81 23.08 -18.25
N LEU F 111 -6.73 22.92 -16.92
CA LEU F 111 -7.21 23.97 -16.04
C LEU F 111 -6.24 25.14 -15.96
N LYS F 112 -4.94 24.88 -16.06
CA LYS F 112 -3.93 25.92 -16.18
C LYS F 112 -3.62 26.14 -17.64
N TRP F 113 -3.65 27.38 -18.09
CA TRP F 113 -3.43 27.73 -19.49
C TRP F 113 -2.06 28.39 -19.60
N THR F 114 -1.11 27.69 -20.21
CA THR F 114 0.23 28.22 -20.44
C THR F 114 0.38 28.44 -21.93
N LEU F 115 0.09 29.65 -22.37
CA LEU F 115 0.03 29.98 -23.79
C LEU F 115 1.33 30.65 -24.22
N ILE F 116 1.83 30.22 -25.39
CA ILE F 116 3.02 30.77 -26.00
C ILE F 116 2.67 31.18 -27.43
N ASN F 117 3.19 32.31 -27.87
CA ASN F 117 2.99 32.76 -29.24
C ASN F 117 4.22 32.40 -30.08
N SER F 118 4.27 32.92 -31.30
CA SER F 118 5.40 32.62 -32.19
C SER F 118 6.69 33.28 -31.72
N LYS F 119 6.59 34.46 -31.10
CA LYS F 119 7.77 35.18 -30.62
C LYS F 119 8.34 34.59 -29.33
N GLY F 120 7.78 33.49 -28.84
CA GLY F 120 8.28 32.86 -27.63
C GLY F 120 7.80 33.45 -26.33
N GLU F 121 6.93 34.47 -26.37
CA GLU F 121 6.39 35.06 -25.16
C GLU F 121 5.35 34.14 -24.53
N THR F 122 5.41 34.04 -23.20
CA THR F 122 4.58 33.11 -22.45
C THR F 122 3.61 33.87 -21.55
N VAL F 123 2.35 33.44 -21.56
CA VAL F 123 1.32 34.00 -20.69
C VAL F 123 0.59 32.84 -20.01
N VAL F 124 0.48 32.90 -18.69
CA VAL F 124 -0.19 31.88 -17.91
C VAL F 124 -1.50 32.48 -17.40
N ASN F 125 -2.61 31.81 -17.71
CA ASN F 125 -3.93 32.19 -17.21
C ASN F 125 -4.40 31.15 -16.21
N VAL F 126 -4.82 31.60 -15.04
CA VAL F 126 -5.26 30.70 -13.99
C VAL F 126 -6.58 31.18 -13.41
N ASP F 127 -7.31 31.99 -14.17
CA ASP F 127 -8.61 32.46 -13.71
C ASP F 127 -9.58 31.30 -13.55
N ARG F 128 -10.48 31.42 -12.57
CA ARG F 128 -11.55 30.45 -12.44
C ARG F 128 -12.50 30.58 -13.61
N GLY F 129 -12.89 29.45 -14.18
CA GLY F 129 -13.78 29.47 -15.33
C GLY F 129 -15.23 29.68 -14.95
N ARG F 130 -16.01 30.13 -15.93
CA ARG F 130 -17.45 30.12 -15.78
C ARG F 130 -17.98 28.69 -15.66
N PHE F 131 -17.23 27.73 -16.21
CA PHE F 131 -17.60 26.31 -16.16
C PHE F 131 -16.31 25.50 -16.07
N GLN F 132 -16.19 24.67 -15.05
CA GLN F 132 -14.99 23.86 -14.84
C GLN F 132 -15.39 22.41 -14.65
N ALA F 133 -14.71 21.52 -15.37
CA ALA F 133 -15.02 20.10 -15.31
C ALA F 133 -13.71 19.30 -15.32
N ASN F 134 -13.80 18.04 -14.90
CA ASN F 134 -12.65 17.15 -14.90
C ASN F 134 -12.50 16.41 -16.23
N ALA F 135 -13.36 16.68 -17.20
CA ALA F 135 -13.28 16.05 -18.52
C ALA F 135 -13.42 17.13 -19.58
N LEU F 136 -12.75 16.91 -20.72
CA LEU F 136 -12.75 17.91 -21.78
C LEU F 136 -13.96 17.77 -22.70
N ASN F 137 -14.55 16.58 -22.80
CA ASN F 137 -15.64 16.36 -23.74
C ASN F 137 -16.87 17.21 -23.40
N VAL F 138 -17.08 17.49 -22.11
CA VAL F 138 -18.23 18.32 -21.73
C VAL F 138 -17.93 19.81 -21.93
N VAL F 139 -16.66 20.21 -21.82
CA VAL F 139 -16.31 21.61 -21.99
C VAL F 139 -16.55 22.06 -23.42
N ARG F 140 -16.25 21.20 -24.40
CA ARG F 140 -16.55 21.53 -25.78
C ARG F 140 -18.04 21.74 -25.98
N SER F 141 -18.87 20.93 -25.31
CA SER F 141 -20.31 21.13 -25.36
C SER F 141 -20.70 22.52 -24.85
N ALA F 142 -20.11 22.94 -23.72
CA ALA F 142 -20.38 24.28 -23.20
C ALA F 142 -19.85 25.35 -24.14
N CYS F 143 -18.72 25.09 -24.79
CA CYS F 143 -18.15 26.06 -25.72
C CYS F 143 -18.99 26.17 -26.98
N SER F 144 -19.55 25.06 -27.46
CA SER F 144 -20.37 25.09 -28.66
C SER F 144 -21.68 25.86 -28.44
N GLU F 145 -22.23 25.81 -27.24
CA GLU F 145 -23.40 26.60 -26.92
C GLU F 145 -23.08 28.07 -26.67
N GLY F 146 -21.82 28.47 -26.76
CA GLY F 146 -21.48 29.88 -26.71
C GLY F 146 -21.35 30.46 -25.32
N LEU F 147 -20.82 29.70 -24.36
CA LEU F 147 -20.69 30.15 -22.99
C LEU F 147 -19.30 30.72 -22.68
N GLY F 148 -18.37 30.69 -23.61
CA GLY F 148 -17.09 31.32 -23.37
C GLY F 148 -16.00 30.68 -24.22
N ILE F 149 -14.77 30.99 -23.83
CA ILE F 149 -13.56 30.54 -24.52
C ILE F 149 -12.97 29.37 -23.77
N THR F 150 -12.54 28.33 -24.50
CA THR F 150 -11.89 27.17 -23.92
C THR F 150 -10.58 26.88 -24.64
N LEU F 151 -9.75 26.09 -23.98
CA LEU F 151 -8.48 25.61 -24.53
C LEU F 151 -8.61 24.12 -24.79
N MET F 152 -8.43 23.71 -26.03
CA MET F 152 -8.69 22.32 -26.41
C MET F 152 -7.59 21.82 -27.32
N PRO F 153 -7.28 20.53 -27.27
CA PRO F 153 -6.38 19.96 -28.29
C PRO F 153 -6.98 20.12 -29.67
N ASP F 154 -6.16 20.63 -30.60
CA ASP F 154 -6.70 21.02 -31.90
C ASP F 154 -7.26 19.84 -32.69
N VAL F 155 -6.73 18.63 -32.46
CA VAL F 155 -7.21 17.47 -33.19
C VAL F 155 -8.63 17.09 -32.80
N MET F 156 -9.12 17.57 -31.65
CA MET F 156 -10.47 17.27 -31.23
C MET F 156 -11.51 18.19 -31.84
N ILE F 157 -11.12 19.38 -32.30
CA ILE F 157 -12.08 20.39 -32.71
C ILE F 157 -11.78 20.93 -34.09
N LYS F 158 -10.87 20.28 -34.83
CA LYS F 158 -10.45 20.81 -36.12
C LYS F 158 -11.62 20.91 -37.09
N GLU F 159 -12.52 19.91 -37.06
CA GLU F 159 -13.67 19.96 -37.94
C GLU F 159 -14.58 21.14 -37.63
N TYR F 160 -14.68 21.51 -36.36
CA TYR F 160 -15.56 22.61 -35.97
C TYR F 160 -15.02 23.95 -36.47
N ILE F 161 -13.70 24.12 -36.47
CA ILE F 161 -13.13 25.34 -37.02
C ILE F 161 -13.39 25.41 -38.51
N ALA F 162 -13.31 24.28 -39.20
CA ALA F 162 -13.47 24.27 -40.65
C ALA F 162 -14.88 24.66 -41.06
N ASP F 163 -15.90 24.05 -40.43
CA ASP F 163 -17.28 24.34 -40.79
C ASP F 163 -17.82 25.58 -40.10
N GLY F 164 -17.03 26.25 -39.28
CA GLY F 164 -17.42 27.50 -38.66
C GLY F 164 -18.19 27.38 -37.37
N SER F 165 -18.56 26.17 -36.92
CA SER F 165 -19.29 26.03 -35.67
C SER F 165 -18.48 26.49 -34.46
N LEU F 166 -17.15 26.44 -34.56
CA LEU F 166 -16.27 27.06 -33.58
C LEU F 166 -15.26 27.92 -34.32
N VAL F 167 -14.70 28.90 -33.62
CA VAL F 167 -13.80 29.87 -34.21
C VAL F 167 -12.52 29.93 -33.39
N ARG F 168 -11.38 29.80 -34.05
CA ARG F 168 -10.10 29.96 -33.39
C ARG F 168 -9.95 31.40 -32.90
N ILE F 169 -9.59 31.56 -31.63
CA ILE F 169 -9.34 32.88 -31.06
C ILE F 169 -7.87 32.97 -30.70
N LEU F 170 -7.29 34.15 -30.87
CA LEU F 170 -5.85 34.36 -30.70
C LEU F 170 -5.07 33.36 -31.54
N PRO F 171 -5.08 33.51 -32.88
CA PRO F 171 -4.46 32.49 -33.74
C PRO F 171 -2.96 32.38 -33.59
N ASP F 172 -2.29 33.38 -33.01
CA ASP F 172 -0.86 33.29 -32.79
C ASP F 172 -0.48 32.53 -31.54
N TRP F 173 -1.46 32.06 -30.75
CA TRP F 173 -1.19 31.44 -29.47
C TRP F 173 -1.61 29.98 -29.46
N SER F 174 -0.90 29.19 -28.67
CA SER F 174 -1.16 27.77 -28.52
C SER F 174 -0.50 27.29 -27.24
N ALA F 175 -0.73 26.02 -26.89
CA ALA F 175 -0.24 25.46 -25.64
C ALA F 175 0.20 24.03 -25.87
N ASN F 176 1.31 23.65 -25.22
CA ASN F 176 1.89 22.31 -25.21
C ASN F 176 2.03 21.70 -26.61
N PRO F 177 2.92 22.23 -27.46
CA PRO F 177 3.20 21.52 -28.71
C PRO F 177 3.88 20.19 -28.41
N ARG F 178 3.38 19.12 -29.04
CA ARG F 178 3.86 17.79 -28.72
C ARG F 178 3.62 16.88 -29.91
N ASP F 179 4.42 15.83 -30.01
CA ASP F 179 4.38 14.91 -31.13
C ASP F 179 3.75 13.58 -30.71
N ILE F 180 3.19 12.88 -31.70
CA ILE F 180 2.54 11.59 -31.51
C ILE F 180 3.44 10.53 -32.10
N TYR F 181 3.87 9.58 -31.26
CA TYR F 181 4.73 8.50 -31.69
C TYR F 181 3.99 7.18 -31.62
N MET F 182 4.30 6.29 -32.57
CA MET F 182 3.85 4.90 -32.53
C MET F 182 5.05 4.03 -32.20
N LEU F 183 4.92 3.22 -31.14
CA LEU F 183 5.99 2.35 -30.68
C LEU F 183 5.61 0.89 -30.91
N TYR F 184 6.61 0.08 -31.24
CA TYR F 184 6.43 -1.36 -31.42
C TYR F 184 7.81 -2.03 -31.32
N ASN F 185 7.90 -3.27 -31.76
CA ASN F 185 9.15 -4.03 -31.71
C ASN F 185 9.81 -4.15 -33.08
N LEU F 190 8.30 -10.24 -34.24
CA LEU F 190 7.08 -9.49 -34.50
C LEU F 190 6.08 -10.32 -35.28
N PRO F 191 4.94 -10.63 -34.67
CA PRO F 191 3.95 -11.50 -35.32
C PRO F 191 3.37 -10.87 -36.58
N GLU F 192 2.80 -11.74 -37.42
CA GLU F 192 2.34 -11.30 -38.73
C GLU F 192 1.18 -10.32 -38.63
N LYS F 193 0.26 -10.56 -37.69
CA LYS F 193 -0.90 -9.68 -37.55
C LYS F 193 -0.47 -8.26 -37.19
N VAL F 194 0.58 -8.12 -36.38
CA VAL F 194 1.02 -6.80 -35.95
C VAL F 194 1.75 -6.08 -37.08
N ARG F 195 2.52 -6.80 -37.90
CA ARG F 195 3.22 -6.16 -39.01
C ARG F 195 2.23 -5.60 -40.03
N LEU F 196 1.16 -6.35 -40.32
CA LEU F 196 0.11 -5.83 -41.18
C LEU F 196 -0.46 -4.52 -40.63
N PHE F 197 -0.56 -4.43 -39.30
CA PHE F 197 -1.06 -3.21 -38.67
C PHE F 197 -0.06 -2.07 -38.82
N ILE F 198 1.22 -2.33 -38.57
CA ILE F 198 2.24 -1.29 -38.67
C ILE F 198 2.38 -0.82 -40.12
N ASP F 199 2.32 -1.75 -41.07
CA ASP F 199 2.35 -1.35 -42.47
C ASP F 199 1.13 -0.48 -42.82
N TYR F 200 -0.04 -0.84 -42.29
CA TYR F 200 -1.25 -0.08 -42.61
C TYR F 200 -1.18 1.35 -42.08
N VAL F 201 -0.68 1.53 -40.85
CA VAL F 201 -0.57 2.86 -40.28
C VAL F 201 0.39 3.72 -41.10
N ILE F 202 1.48 3.12 -41.56
CA ILE F 202 2.46 3.86 -42.36
C ILE F 202 1.83 4.35 -43.66
N ALA F 203 1.10 3.47 -44.34
CA ALA F 203 0.51 3.81 -45.63
C ALA F 203 -0.71 4.71 -45.52
N TYR F 204 -1.23 4.93 -44.31
CA TYR F 204 -2.46 5.70 -44.14
C TYR F 204 -2.26 7.18 -44.46
#